data_9LBG
#
_entry.id   9LBG
#
_cell.length_a   166.935
_cell.length_b   166.935
_cell.length_c   208.988
_cell.angle_alpha   90.000
_cell.angle_beta   90.000
_cell.angle_gamma   120.000
#
_symmetry.space_group_name_H-M   'H 3 2'
#
loop_
_entity.id
_entity.type
_entity.pdbx_description
1 polymer 'Serine/threonine-protein kinase PAK 2'
2 non-polymer D-MALATE
3 non-polymer 'SULFATE ION'
4 water water
#
_entity_poly.entity_id   1
_entity_poly.type   'polypeptide(L)'
_entity_poly.pdbx_seq_one_letter_code
;MGSSHHHHHHSSGLVPRGSHMASHTIHVGFDAVTGEFTGMPEQWARLLQTSNITKLEQKKNPQAVLDVLKFYDSNTVKQK
YLSFTPPEKDGFPSGTPALNAKGTEAPAVVTEEEDDDEETAPPVIAPRPDHTKSIYTRSVIDPVPAPVGDSHVDGAAKSL
DKQKKKTKMTDEEIMEKLRTIVSIGDPKKKYTRYEKIGQGASGTVFTATDVALGQEVAIRQINLQKQPKKELIINEILVM
KELKNPNIVNFLDSYLVGDELFVVMEYLAGGSLTDVVTETCMDEAQIAAVCRECLQALEFLHANQVIHRDIKSDNVLLGM
EGSVKLTDFGFCAQITPEQSKRSTMVGTPYWMAPEVVTRKAYGPKVDIWSLGIMAIEMVEGEPPYLNENPLRALYLIATN
GTPELQNPEKLSPIFRDFLNRCLEMDVEKRGSAKELLQHPFLKLAKPLSSLTPLIMAAKEAMKSNR
;
_entity_poly.pdbx_strand_id   A,B
#
loop_
_chem_comp.id
_chem_comp.type
_chem_comp.name
_chem_comp.formula
MLT non-polymer D-MALATE 'C4 H6 O5'
SO4 non-polymer 'SULFATE ION' 'O4 S -2'
#
# COMPACT_ATOMS: atom_id res chain seq x y z
N ILE A 26 -12.26 -43.85 29.24
CA ILE A 26 -12.61 -45.27 29.58
C ILE A 26 -12.30 -46.12 28.34
N HIS A 27 -11.89 -47.39 28.59
CA HIS A 27 -11.46 -48.29 27.54
C HIS A 27 -12.56 -48.47 26.49
N VAL A 28 -12.18 -48.52 25.19
CA VAL A 28 -13.09 -48.81 24.08
C VAL A 28 -12.37 -49.91 23.30
N GLY A 29 -13.08 -50.69 22.45
CA GLY A 29 -12.50 -51.85 21.79
C GLY A 29 -12.60 -51.73 20.28
N PHE A 30 -12.41 -52.86 19.55
CA PHE A 30 -12.57 -52.89 18.11
C PHE A 30 -12.74 -54.34 17.61
N ASP A 31 -13.92 -54.63 17.06
CA ASP A 31 -14.27 -55.95 16.55
C ASP A 31 -13.78 -56.08 15.08
N ALA A 32 -12.62 -56.70 14.92
CA ALA A 32 -11.79 -56.63 13.70
C ALA A 32 -12.46 -57.05 12.37
N VAL A 33 -13.46 -57.96 12.38
CA VAL A 33 -14.00 -58.44 11.11
C VAL A 33 -15.19 -57.59 10.67
N THR A 34 -16.00 -57.11 11.65
CA THR A 34 -17.11 -56.20 11.38
C THR A 34 -16.62 -54.76 11.17
N GLY A 35 -15.50 -54.37 11.81
CA GLY A 35 -14.95 -53.03 11.68
C GLY A 35 -15.65 -51.99 12.56
N GLU A 36 -16.21 -52.42 13.71
CA GLU A 36 -16.95 -51.56 14.63
C GLU A 36 -16.18 -51.43 15.94
N PHE A 37 -15.95 -50.19 16.36
CA PHE A 37 -15.49 -49.90 17.69
C PHE A 37 -16.57 -50.24 18.71
N THR A 38 -16.13 -50.77 19.86
CA THR A 38 -17.03 -51.16 20.94
C THR A 38 -16.82 -50.23 22.15
N GLY A 39 -17.92 -49.63 22.63
CA GLY A 39 -17.98 -48.97 23.92
C GLY A 39 -17.48 -47.52 23.91
N MET A 40 -17.34 -46.90 22.74
CA MET A 40 -16.85 -45.52 22.63
C MET A 40 -17.97 -44.50 22.88
N PRO A 41 -17.64 -43.29 23.39
CA PRO A 41 -18.63 -42.26 23.70
C PRO A 41 -19.44 -41.88 22.47
N GLU A 42 -20.66 -41.39 22.73
CA GLU A 42 -21.54 -41.01 21.64
C GLU A 42 -20.99 -39.82 20.84
N GLN A 43 -20.20 -38.94 21.48
CA GLN A 43 -19.50 -37.87 20.78
C GLN A 43 -18.57 -38.44 19.71
N TRP A 44 -17.72 -39.38 20.11
CA TRP A 44 -16.73 -39.94 19.20
C TRP A 44 -17.42 -40.72 18.09
N ALA A 45 -18.50 -41.44 18.40
CA ALA A 45 -19.29 -42.14 17.40
C ALA A 45 -19.94 -41.15 16.41
N ARG A 46 -20.48 -40.01 16.93
CA ARG A 46 -21.04 -38.97 16.08
C ARG A 46 -19.98 -38.49 15.09
N LEU A 47 -18.83 -38.06 15.64
CA LEU A 47 -17.77 -37.54 14.83
C LEU A 47 -17.40 -38.58 13.78
N LEU A 48 -17.23 -39.85 14.16
CA LEU A 48 -16.77 -40.90 13.26
C LEU A 48 -17.71 -40.97 12.05
N GLN A 49 -19.04 -40.87 12.26
CA GLN A 49 -19.99 -40.92 11.15
C GLN A 49 -19.77 -39.77 10.16
N THR A 50 -19.43 -38.59 10.69
CA THR A 50 -19.19 -37.39 9.88
C THR A 50 -17.77 -37.29 9.33
N SER A 51 -16.91 -38.29 9.55
CA SER A 51 -15.47 -38.16 9.37
C SER A 51 -15.01 -38.48 7.95
N ASN A 52 -15.84 -39.18 7.16
CA ASN A 52 -15.46 -39.72 5.84
C ASN A 52 -14.20 -40.60 5.89
N ILE A 53 -13.86 -41.15 7.07
CA ILE A 53 -12.91 -42.26 7.19
C ILE A 53 -13.64 -43.57 6.89
N THR A 54 -13.16 -44.34 5.91
CA THR A 54 -13.79 -45.59 5.47
C THR A 54 -13.53 -46.74 6.44
N LYS A 55 -14.36 -47.81 6.39
CA LYS A 55 -14.18 -48.96 7.25
C LYS A 55 -12.92 -49.76 6.91
N LEU A 56 -12.44 -49.62 5.67
CA LEU A 56 -11.09 -50.07 5.31
C LEU A 56 -10.03 -49.33 6.12
N GLU A 57 -10.03 -47.97 6.05
CA GLU A 57 -9.09 -47.10 6.76
C GLU A 57 -9.17 -47.28 8.28
N GLN A 58 -10.37 -47.55 8.82
CA GLN A 58 -10.55 -47.82 10.24
C GLN A 58 -9.85 -49.12 10.62
N LYS A 59 -10.08 -50.24 9.91
CA LYS A 59 -9.46 -51.51 10.31
C LYS A 59 -7.96 -51.55 9.96
N LYS A 60 -7.51 -50.75 8.98
CA LYS A 60 -6.10 -50.52 8.67
C LYS A 60 -5.35 -50.05 9.91
N ASN A 61 -5.86 -49.02 10.62
CA ASN A 61 -5.26 -48.58 11.88
C ASN A 61 -6.31 -47.97 12.81
N PRO A 62 -7.02 -48.77 13.64
CA PRO A 62 -8.05 -48.28 14.57
C PRO A 62 -7.52 -47.32 15.61
N GLN A 63 -6.25 -47.49 16.00
CA GLN A 63 -5.69 -46.68 17.08
C GLN A 63 -5.54 -45.24 16.59
N ALA A 64 -5.03 -45.05 15.37
CA ALA A 64 -4.92 -43.74 14.77
C ALA A 64 -6.28 -43.03 14.70
N VAL A 65 -7.32 -43.70 14.23
CA VAL A 65 -8.66 -43.15 14.21
C VAL A 65 -9.07 -42.70 15.61
N LEU A 66 -8.89 -43.58 16.57
CA LEU A 66 -9.36 -43.29 17.92
C LEU A 66 -8.61 -42.09 18.51
N ASP A 67 -7.30 -41.96 18.23
CA ASP A 67 -6.49 -40.83 18.66
C ASP A 67 -7.00 -39.51 18.06
N VAL A 68 -7.35 -39.47 16.77
CA VAL A 68 -7.75 -38.22 16.13
C VAL A 68 -9.19 -37.82 16.47
N LEU A 69 -10.05 -38.78 16.80
CA LEU A 69 -11.35 -38.47 17.36
C LEU A 69 -11.20 -37.75 18.71
N LYS A 70 -10.31 -38.27 19.59
CA LYS A 70 -10.05 -37.70 20.90
C LYS A 70 -9.56 -36.26 20.75
N PHE A 71 -8.66 -36.04 19.77
CA PHE A 71 -8.07 -34.74 19.50
C PHE A 71 -9.12 -33.73 19.04
N TYR A 72 -9.87 -34.05 18.01
CA TYR A 72 -10.83 -33.10 17.46
C TYR A 72 -11.96 -32.78 18.43
N ASP A 73 -12.39 -33.76 19.24
CA ASP A 73 -13.41 -33.59 20.27
C ASP A 73 -13.00 -32.59 21.36
N SER A 74 -11.70 -32.32 21.50
CA SER A 74 -11.17 -31.62 22.67
C SER A 74 -10.33 -30.39 22.31
N ASN A 75 -9.90 -30.22 21.06
CA ASN A 75 -9.07 -29.11 20.63
C ASN A 75 -9.90 -27.82 20.48
N THR A 76 -10.16 -27.15 21.60
CA THR A 76 -10.76 -25.83 21.58
C THR A 76 -9.66 -24.79 21.30
N VAL A 77 -8.50 -25.24 20.79
CA VAL A 77 -7.37 -24.38 20.41
C VAL A 77 -6.66 -23.91 21.69
N LYS A 78 -7.34 -23.16 22.55
CA LYS A 78 -6.78 -22.62 23.78
C LYS A 78 -5.90 -21.42 23.43
N GLN A 79 -5.27 -20.81 24.45
CA GLN A 79 -4.39 -19.65 24.31
C GLN A 79 -2.98 -20.10 24.68
N LYS A 80 -1.98 -19.22 24.46
CA LYS A 80 -0.62 -19.50 24.91
C LYS A 80 -0.03 -18.25 25.57
N TYR A 81 0.59 -18.43 26.74
CA TYR A 81 1.23 -17.35 27.48
C TYR A 81 2.63 -17.79 27.90
N LEU A 82 3.62 -16.96 27.60
CA LEU A 82 4.99 -17.18 27.99
C LEU A 82 5.17 -16.79 29.45
N SER A 83 4.87 -17.71 30.38
CA SER A 83 5.03 -17.40 31.80
C SER A 83 6.50 -17.65 32.23
N PHE A 84 7.45 -17.58 31.29
CA PHE A 84 8.88 -17.79 31.53
C PHE A 84 9.58 -16.52 32.05
N THR A 85 9.31 -16.11 33.31
CA THR A 85 9.80 -14.83 33.84
C THR A 85 11.08 -15.06 34.67
N PRO A 86 12.27 -14.56 34.24
CA PRO A 86 13.53 -14.82 34.95
C PRO A 86 13.71 -13.90 36.18
N LYS A 168 -9.01 -10.69 41.59
CA LYS A 168 -8.29 -10.77 42.89
C LYS A 168 -7.15 -9.74 42.95
N MET A 169 -6.63 -9.37 41.78
CA MET A 169 -5.52 -8.41 41.73
C MET A 169 -6.02 -6.98 41.97
N THR A 170 -5.25 -6.15 42.71
CA THR A 170 -5.68 -4.79 43.06
C THR A 170 -5.07 -3.74 42.15
N ASP A 171 -5.59 -2.50 42.24
CA ASP A 171 -5.13 -1.44 41.38
C ASP A 171 -3.68 -1.06 41.67
N GLU A 172 -3.26 -1.09 42.96
CA GLU A 172 -1.85 -0.85 43.29
C GLU A 172 -0.92 -1.96 42.79
N GLU A 173 -1.38 -3.22 42.85
CA GLU A 173 -0.61 -4.32 42.28
C GLU A 173 -0.45 -4.16 40.76
N ILE A 174 -1.54 -3.80 40.05
CA ILE A 174 -1.50 -3.56 38.62
C ILE A 174 -0.54 -2.41 38.32
N MET A 175 -0.68 -1.30 39.02
CA MET A 175 0.18 -0.17 38.74
C MET A 175 1.64 -0.48 39.02
N GLU A 176 1.88 -1.43 39.94
CA GLU A 176 3.24 -1.80 40.30
C GLU A 176 3.83 -2.64 39.17
N LYS A 177 3.07 -3.65 38.68
CA LYS A 177 3.53 -4.51 37.60
C LYS A 177 3.73 -3.74 36.31
N LEU A 178 2.92 -2.71 36.07
CA LEU A 178 3.01 -1.90 34.86
C LEU A 178 4.17 -0.91 34.91
N ARG A 179 4.91 -0.80 36.01
CA ARG A 179 5.83 0.33 36.21
C ARG A 179 6.88 0.41 35.11
N THR A 180 7.40 -0.79 34.79
CA THR A 180 8.56 -0.96 33.94
C THR A 180 8.17 -0.98 32.47
N ILE A 181 6.85 -1.09 32.16
CA ILE A 181 6.38 -1.33 30.81
C ILE A 181 5.48 -0.25 30.25
N VAL A 182 4.90 0.63 31.05
CA VAL A 182 4.00 1.66 30.49
C VAL A 182 4.75 2.98 30.23
N SER A 183 4.67 3.46 29.01
CA SER A 183 5.06 4.81 28.65
C SER A 183 3.91 5.80 28.89
N ILE A 184 4.29 7.05 29.12
CA ILE A 184 3.32 8.13 29.19
C ILE A 184 3.31 8.81 27.82
N GLY A 185 2.20 8.67 27.11
CA GLY A 185 2.08 9.11 25.71
C GLY A 185 0.68 8.77 25.19
N ASP A 186 0.24 9.41 24.10
CA ASP A 186 -1.08 9.12 23.57
C ASP A 186 -0.98 8.21 22.35
N PRO A 187 -1.44 6.94 22.37
CA PRO A 187 -1.27 6.07 21.24
C PRO A 187 -2.08 6.56 20.03
N LYS A 188 -3.19 7.29 20.27
CA LYS A 188 -3.98 7.93 19.22
C LYS A 188 -3.30 9.19 18.63
N LYS A 189 -2.12 9.56 19.11
CA LYS A 189 -1.33 10.67 18.61
C LYS A 189 0.03 10.21 18.09
N LYS A 190 0.66 9.17 18.69
CA LYS A 190 1.95 8.64 18.25
C LYS A 190 1.83 7.80 16.98
N TYR A 191 0.66 7.19 16.72
CA TYR A 191 0.47 6.36 15.54
C TYR A 191 -0.69 6.87 14.68
N THR A 192 -0.55 6.83 13.35
CA THR A 192 -1.64 7.08 12.40
C THR A 192 -1.83 5.87 11.48
N ARG A 193 -2.74 5.99 10.49
CA ARG A 193 -3.10 4.91 9.59
C ARG A 193 -3.57 3.67 10.36
N TYR A 194 -4.31 3.87 11.42
CA TYR A 194 -4.94 2.77 12.13
C TYR A 194 -5.86 2.01 11.21
N GLU A 195 -5.74 0.68 11.20
CA GLU A 195 -6.72 -0.21 10.60
C GLU A 195 -6.97 -1.36 11.56
N LYS A 196 -8.23 -1.65 11.83
CA LYS A 196 -8.60 -2.73 12.73
C LYS A 196 -8.47 -4.03 11.97
N ILE A 197 -7.56 -4.91 12.39
CA ILE A 197 -7.32 -6.18 11.73
C ILE A 197 -8.02 -7.37 12.43
N GLY A 198 -8.49 -7.23 13.67
CA GLY A 198 -9.34 -8.24 14.29
C GLY A 198 -9.84 -7.88 15.69
N GLN A 199 -10.81 -8.66 16.19
CA GLN A 199 -11.32 -8.51 17.55
C GLN A 199 -11.88 -9.84 18.05
N GLY A 200 -11.66 -10.13 19.35
CA GLY A 200 -12.23 -11.31 20.01
C GLY A 200 -12.17 -11.17 21.54
N ALA A 201 -12.35 -12.28 22.27
CA ALA A 201 -12.26 -12.27 23.73
C ALA A 201 -10.86 -11.79 24.20
N SER A 202 -9.84 -12.06 23.36
CA SER A 202 -8.44 -11.76 23.62
C SER A 202 -8.07 -10.27 23.43
N GLY A 203 -9.06 -9.40 23.20
CA GLY A 203 -8.78 -8.00 22.86
C GLY A 203 -9.07 -7.64 21.39
N THR A 204 -8.63 -6.43 21.02
CA THR A 204 -8.75 -5.89 19.67
C THR A 204 -7.35 -5.61 19.12
N VAL A 205 -7.15 -5.86 17.82
CA VAL A 205 -5.84 -5.70 17.20
C VAL A 205 -5.91 -4.74 16.01
N PHE A 206 -4.91 -3.87 15.90
CA PHE A 206 -4.83 -2.88 14.86
C PHE A 206 -3.45 -2.95 14.25
N THR A 207 -3.32 -2.56 13.00
CA THR A 207 -2.03 -2.14 12.47
C THR A 207 -2.04 -0.62 12.41
N ALA A 208 -0.87 -0.02 12.52
CA ALA A 208 -0.71 1.43 12.42
C ALA A 208 0.73 1.75 12.08
N THR A 209 1.05 3.02 11.82
CA THR A 209 2.42 3.39 11.54
C THR A 209 2.83 4.48 12.53
N ASP A 210 4.07 4.38 13.00
CA ASP A 210 4.68 5.38 13.86
C ASP A 210 4.90 6.67 13.08
N VAL A 211 4.37 7.78 13.59
CA VAL A 211 4.40 9.05 12.87
C VAL A 211 5.81 9.63 12.79
N ALA A 212 6.67 9.31 13.77
CA ALA A 212 8.01 9.89 13.86
C ALA A 212 9.03 9.09 13.03
N LEU A 213 8.98 7.75 13.17
CA LEU A 213 9.89 6.84 12.48
C LEU A 213 9.43 6.51 11.05
N GLY A 214 8.12 6.54 10.81
CA GLY A 214 7.60 6.10 9.52
C GLY A 214 7.55 4.59 9.35
N GLN A 215 7.59 3.81 10.44
CA GLN A 215 7.66 2.35 10.40
C GLN A 215 6.40 1.73 11.00
N GLU A 216 5.95 0.62 10.43
CA GLU A 216 4.67 0.03 10.74
C GLU A 216 4.73 -0.77 12.05
N VAL A 217 3.59 -0.86 12.73
CA VAL A 217 3.49 -1.48 14.05
C VAL A 217 2.16 -2.19 14.15
N ALA A 218 2.06 -3.05 15.13
CA ALA A 218 0.78 -3.66 15.45
C ALA A 218 0.47 -3.27 16.88
N ILE A 219 -0.83 -3.07 17.17
CA ILE A 219 -1.27 -2.64 18.48
C ILE A 219 -2.35 -3.60 18.97
N ARG A 220 -2.06 -4.30 20.07
CA ARG A 220 -3.11 -5.04 20.74
C ARG A 220 -3.69 -4.17 21.87
N GLN A 221 -5.01 -4.13 21.99
CA GLN A 221 -5.70 -3.32 22.94
C GLN A 221 -6.52 -4.19 23.88
N ILE A 222 -6.05 -4.30 25.14
CA ILE A 222 -6.53 -5.25 26.14
C ILE A 222 -7.33 -4.50 27.20
N ASN A 223 -8.57 -4.94 27.48
CA ASN A 223 -9.28 -4.40 28.62
C ASN A 223 -8.87 -5.14 29.88
N LEU A 224 -8.20 -4.45 30.82
CA LEU A 224 -7.69 -5.04 32.05
C LEU A 224 -8.80 -5.32 33.06
N GLN A 225 -9.98 -4.69 32.97
CA GLN A 225 -11.05 -5.00 33.91
C GLN A 225 -11.84 -6.25 33.49
N LYS A 226 -12.01 -6.46 32.18
CA LYS A 226 -12.87 -7.49 31.66
C LYS A 226 -12.18 -8.84 31.50
N GLN A 227 -10.86 -8.94 31.74
CA GLN A 227 -10.17 -10.22 31.75
C GLN A 227 -9.74 -10.57 33.17
N PRO A 228 -10.01 -11.79 33.70
CA PRO A 228 -9.61 -12.17 35.06
C PRO A 228 -8.12 -12.57 35.18
N LYS A 229 -7.59 -13.07 34.06
CA LYS A 229 -6.20 -13.48 33.93
C LYS A 229 -5.25 -12.27 33.77
N LYS A 230 -5.45 -11.19 34.55
CA LYS A 230 -4.73 -9.94 34.36
C LYS A 230 -3.24 -10.18 34.55
N GLU A 231 -2.92 -10.95 35.60
CA GLU A 231 -1.53 -11.18 35.96
C GLU A 231 -0.77 -11.90 34.83
N LEU A 232 -1.42 -12.89 34.20
CA LEU A 232 -0.82 -13.59 33.07
C LEU A 232 -0.47 -12.65 31.93
N ILE A 233 -1.38 -11.72 31.59
CA ILE A 233 -1.19 -10.81 30.47
C ILE A 233 -0.01 -9.88 30.76
N ILE A 234 0.05 -9.39 32.01
CA ILE A 234 1.13 -8.45 32.29
C ILE A 234 2.46 -9.19 32.34
N ASN A 235 2.50 -10.42 32.89
CA ASN A 235 3.73 -11.18 32.95
C ASN A 235 4.17 -11.55 31.54
N GLU A 236 3.21 -11.91 30.67
CA GLU A 236 3.47 -12.12 29.26
C GLU A 236 4.20 -10.91 28.64
N ILE A 237 3.73 -9.70 28.93
CA ILE A 237 4.41 -8.50 28.45
C ILE A 237 5.80 -8.35 29.06
N LEU A 238 5.97 -8.65 30.35
CA LEU A 238 7.24 -8.49 31.03
C LEU A 238 8.28 -9.42 30.44
N VAL A 239 7.83 -10.64 30.12
CA VAL A 239 8.68 -11.63 29.48
C VAL A 239 9.07 -11.13 28.10
N MET A 240 8.06 -10.72 27.31
CA MET A 240 8.28 -10.38 25.92
C MET A 240 9.19 -9.16 25.75
N LYS A 241 9.28 -8.33 26.79
CA LYS A 241 10.11 -7.15 26.75
C LYS A 241 11.57 -7.58 26.73
N GLU A 242 11.88 -8.73 27.38
CA GLU A 242 13.26 -9.19 27.54
C GLU A 242 13.64 -10.24 26.47
N LEU A 243 12.65 -10.94 25.92
CA LEU A 243 12.80 -11.89 24.84
C LEU A 243 12.94 -11.18 23.48
N LYS A 244 14.17 -10.82 23.06
CA LYS A 244 14.38 -10.03 21.86
C LYS A 244 15.17 -10.80 20.80
N ASN A 245 14.67 -10.81 19.57
CA ASN A 245 15.34 -11.45 18.45
C ASN A 245 14.86 -10.85 17.13
N PRO A 246 15.75 -10.65 16.14
CA PRO A 246 15.34 -10.03 14.88
C PRO A 246 14.38 -10.81 14.00
N ASN A 247 14.25 -12.12 14.18
CA ASN A 247 13.32 -12.90 13.37
C ASN A 247 12.00 -13.21 14.10
N ILE A 248 11.71 -12.51 15.21
CA ILE A 248 10.35 -12.48 15.74
C ILE A 248 9.88 -11.03 15.78
N VAL A 249 8.58 -10.79 15.83
CA VAL A 249 8.06 -9.45 16.15
C VAL A 249 8.32 -9.18 17.62
N ASN A 250 9.05 -8.09 17.89
CA ASN A 250 9.40 -7.70 19.24
C ASN A 250 8.40 -6.72 19.86
N PHE A 251 8.29 -6.75 21.19
CA PHE A 251 7.63 -5.71 21.97
C PHE A 251 8.36 -4.35 21.81
N LEU A 252 7.61 -3.28 21.53
CA LEU A 252 8.14 -1.96 21.31
C LEU A 252 7.81 -1.04 22.49
N ASP A 253 6.55 -1.03 22.92
CA ASP A 253 6.08 -0.01 23.83
C ASP A 253 4.71 -0.41 24.36
N SER A 254 4.30 0.24 25.46
CA SER A 254 2.94 0.06 25.96
C SER A 254 2.39 1.35 26.61
N TYR A 255 1.07 1.47 26.64
CA TYR A 255 0.38 2.67 27.04
C TYR A 255 -0.87 2.28 27.81
N LEU A 256 -1.18 3.05 28.87
CA LEU A 256 -2.38 2.80 29.64
C LEU A 256 -3.39 3.90 29.28
N VAL A 257 -4.61 3.48 28.99
CA VAL A 257 -5.69 4.33 28.53
C VAL A 257 -6.93 3.97 29.33
N GLY A 258 -6.91 4.34 30.61
CA GLY A 258 -8.05 4.08 31.48
C GLY A 258 -7.99 2.66 32.01
N ASP A 259 -8.83 1.80 31.43
CA ASP A 259 -8.82 0.35 31.66
C ASP A 259 -8.19 -0.42 30.48
N GLU A 260 -7.94 0.25 29.37
CA GLU A 260 -7.38 -0.38 28.19
C GLU A 260 -5.87 -0.25 28.24
N LEU A 261 -5.17 -1.38 28.10
CA LEU A 261 -3.72 -1.40 27.89
C LEU A 261 -3.42 -1.64 26.42
N PHE A 262 -2.63 -0.75 25.84
CA PHE A 262 -2.22 -0.84 24.46
C PHE A 262 -0.80 -1.39 24.45
N VAL A 263 -0.60 -2.53 23.74
CA VAL A 263 0.70 -3.14 23.59
C VAL A 263 1.12 -3.00 22.13
N VAL A 264 2.28 -2.40 21.90
CA VAL A 264 2.74 -2.13 20.56
C VAL A 264 3.87 -3.11 20.23
N MET A 265 3.68 -3.85 19.13
CA MET A 265 4.60 -4.85 18.64
C MET A 265 5.12 -4.35 17.30
N GLU A 266 6.30 -4.81 16.90
CA GLU A 266 6.76 -4.58 15.54
C GLU A 266 5.78 -5.17 14.53
N TYR A 267 5.82 -4.64 13.32
CA TYR A 267 5.16 -5.25 12.17
C TYR A 267 5.98 -4.96 10.92
N LEU A 268 5.52 -5.43 9.76
CA LEU A 268 6.25 -5.27 8.50
C LEU A 268 5.23 -4.99 7.42
N ALA A 269 5.64 -4.15 6.48
CA ALA A 269 4.76 -3.65 5.44
C ALA A 269 4.48 -4.66 4.31
N GLY A 270 5.27 -5.73 4.17
CA GLY A 270 5.27 -6.61 3.00
C GLY A 270 4.27 -7.76 3.10
N GLY A 271 3.45 -7.78 4.12
CA GLY A 271 2.39 -8.77 4.14
C GLY A 271 2.90 -10.14 4.53
N SER A 272 2.02 -11.12 4.35
CA SER A 272 2.28 -12.48 4.84
C SER A 272 2.91 -13.32 3.73
N LEU A 273 3.60 -14.38 4.13
CA LEU A 273 4.21 -15.28 3.17
C LEU A 273 3.13 -16.00 2.38
N THR A 274 1.90 -16.12 2.93
CA THR A 274 0.80 -16.70 2.16
C THR A 274 0.46 -15.87 0.93
N ASP A 275 0.50 -14.54 1.06
CA ASP A 275 0.17 -13.65 -0.04
C ASP A 275 1.21 -13.80 -1.14
N VAL A 276 2.48 -14.02 -0.81
CA VAL A 276 3.55 -14.23 -1.80
C VAL A 276 3.39 -15.59 -2.44
N VAL A 277 3.18 -16.63 -1.63
CA VAL A 277 3.10 -18.00 -2.10
C VAL A 277 1.85 -18.27 -2.95
N THR A 278 0.73 -17.60 -2.69
CA THR A 278 -0.48 -17.78 -3.49
C THR A 278 -0.45 -17.04 -4.82
N GLU A 279 0.22 -15.89 -4.93
CA GLU A 279 0.20 -15.06 -6.14
C GLU A 279 1.50 -15.12 -6.95
N THR A 280 2.49 -15.89 -6.54
CA THR A 280 3.76 -15.94 -7.24
C THR A 280 4.36 -17.33 -7.13
N CYS A 281 5.44 -17.58 -7.89
CA CYS A 281 6.15 -18.84 -7.83
C CYS A 281 7.55 -18.58 -7.32
N MET A 282 7.89 -19.23 -6.20
CA MET A 282 9.20 -19.08 -5.60
C MET A 282 10.15 -20.14 -6.14
N ASP A 283 11.38 -19.75 -6.42
CA ASP A 283 12.45 -20.68 -6.69
C ASP A 283 13.04 -21.24 -5.38
N GLU A 284 13.80 -22.32 -5.49
CA GLU A 284 14.32 -22.97 -4.31
C GLU A 284 15.28 -22.06 -3.54
N ALA A 285 15.97 -21.12 -4.22
CA ALA A 285 16.91 -20.23 -3.55
C ALA A 285 16.19 -19.17 -2.71
N GLN A 286 14.98 -18.79 -3.13
CA GLN A 286 14.08 -17.98 -2.34
C GLN A 286 13.51 -18.79 -1.18
N ILE A 287 13.12 -20.04 -1.42
CA ILE A 287 12.54 -20.88 -0.38
C ILE A 287 13.58 -21.14 0.71
N ALA A 288 14.83 -21.39 0.34
CA ALA A 288 15.86 -21.64 1.33
C ALA A 288 16.16 -20.42 2.17
N ALA A 289 16.02 -19.20 1.60
CA ALA A 289 16.20 -17.97 2.36
C ALA A 289 15.11 -17.78 3.43
N VAL A 290 13.87 -18.05 3.07
CA VAL A 290 12.78 -18.05 4.04
C VAL A 290 13.02 -19.09 5.10
N CYS A 291 13.40 -20.31 4.70
CA CYS A 291 13.60 -21.41 5.64
C CYS A 291 14.71 -21.10 6.63
N ARG A 292 15.76 -20.42 6.16
CA ARG A 292 16.89 -20.05 7.01
C ARG A 292 16.42 -19.07 8.09
N GLU A 293 15.66 -18.05 7.72
CA GLU A 293 15.22 -17.06 8.68
C GLU A 293 14.21 -17.69 9.65
N CYS A 294 13.33 -18.58 9.19
CA CYS A 294 12.44 -19.26 10.14
C CYS A 294 13.21 -20.16 11.10
N LEU A 295 14.28 -20.81 10.63
CA LEU A 295 15.05 -21.65 11.51
C LEU A 295 15.84 -20.83 12.52
N GLN A 296 16.36 -19.67 12.11
CA GLN A 296 16.95 -18.73 13.06
C GLN A 296 15.97 -18.33 14.16
N ALA A 297 14.71 -18.08 13.83
CA ALA A 297 13.68 -17.82 14.84
C ALA A 297 13.46 -19.04 15.73
N LEU A 298 13.29 -20.25 15.13
CA LEU A 298 12.97 -21.42 15.94
C LEU A 298 14.11 -21.80 16.88
N GLU A 299 15.36 -21.62 16.45
CA GLU A 299 16.50 -21.88 17.31
C GLU A 299 16.37 -21.05 18.58
N PHE A 300 16.16 -19.74 18.41
CA PHE A 300 16.01 -18.80 19.51
C PHE A 300 14.81 -19.12 20.41
N LEU A 301 13.65 -19.42 19.85
CA LEU A 301 12.48 -19.71 20.66
C LEU A 301 12.70 -21.00 21.43
N HIS A 302 13.22 -22.05 20.77
CA HIS A 302 13.44 -23.33 21.43
C HIS A 302 14.49 -23.18 22.55
N ALA A 303 15.50 -22.33 22.32
CA ALA A 303 16.51 -21.99 23.34
C ALA A 303 15.94 -21.24 24.57
N ASN A 304 14.70 -20.75 24.49
CA ASN A 304 14.03 -20.06 25.58
C ASN A 304 12.79 -20.82 26.03
N GLN A 305 12.74 -22.14 25.79
CA GLN A 305 11.67 -23.04 26.25
C GLN A 305 10.32 -22.66 25.65
N VAL A 306 10.36 -22.04 24.46
CA VAL A 306 9.12 -21.69 23.76
C VAL A 306 8.95 -22.67 22.63
N ILE A 307 7.77 -23.29 22.52
CA ILE A 307 7.35 -23.96 21.32
C ILE A 307 6.30 -23.08 20.63
N HIS A 308 6.49 -22.82 19.34
CA HIS A 308 5.62 -21.91 18.61
C HIS A 308 4.22 -22.52 18.44
N ARG A 309 4.16 -23.75 17.96
CA ARG A 309 2.97 -24.55 17.77
C ARG A 309 2.19 -24.23 16.49
N ASP A 310 2.48 -23.09 15.83
CA ASP A 310 1.64 -22.65 14.71
C ASP A 310 2.49 -22.02 13.61
N ILE A 311 3.59 -22.70 13.26
CA ILE A 311 4.40 -22.28 12.13
C ILE A 311 3.61 -22.56 10.85
N LYS A 312 3.26 -21.51 10.14
CA LYS A 312 2.63 -21.60 8.83
C LYS A 312 2.79 -20.27 8.12
N SER A 313 2.54 -20.26 6.82
CA SER A 313 2.83 -19.07 6.02
C SER A 313 2.01 -17.87 6.50
N ASP A 314 0.84 -18.09 7.11
CA ASP A 314 0.02 -17.02 7.65
C ASP A 314 0.71 -16.21 8.76
N ASN A 315 1.63 -16.84 9.49
CA ASN A 315 2.27 -16.29 10.68
C ASN A 315 3.71 -15.89 10.35
N VAL A 316 4.04 -15.81 9.07
CA VAL A 316 5.36 -15.38 8.63
C VAL A 316 5.14 -14.06 7.94
N LEU A 317 5.88 -13.08 8.43
CA LEU A 317 5.68 -11.72 8.02
C LEU A 317 6.89 -11.29 7.23
N LEU A 318 6.65 -10.56 6.13
CA LEU A 318 7.71 -10.11 5.23
C LEU A 318 7.83 -8.59 5.23
N GLY A 319 9.07 -8.11 5.23
CA GLY A 319 9.37 -6.69 4.99
C GLY A 319 9.54 -6.40 3.50
N MET A 320 9.40 -5.14 3.08
CA MET A 320 9.52 -4.79 1.67
C MET A 320 10.94 -5.04 1.16
N GLU A 321 11.95 -4.92 2.04
CA GLU A 321 13.35 -5.24 1.74
C GLU A 321 13.62 -6.76 1.83
N GLY A 322 12.58 -7.57 2.14
CA GLY A 322 12.66 -9.02 2.24
C GLY A 322 12.97 -9.57 3.64
N SER A 323 13.02 -8.73 4.67
CA SER A 323 13.23 -9.24 6.01
C SER A 323 12.05 -10.11 6.48
N VAL A 324 12.31 -11.05 7.38
CA VAL A 324 11.35 -12.07 7.74
C VAL A 324 11.20 -12.11 9.25
N LYS A 325 9.96 -12.09 9.76
CA LYS A 325 9.69 -12.31 11.17
C LYS A 325 8.53 -13.29 11.41
N LEU A 326 8.63 -14.09 12.47
CA LEU A 326 7.55 -14.92 12.97
C LEU A 326 6.60 -14.09 13.87
N THR A 327 5.32 -14.50 13.92
CA THR A 327 4.30 -13.96 14.82
C THR A 327 3.54 -15.14 15.43
N ASP A 328 2.69 -14.96 16.44
CA ASP A 328 1.81 -15.99 17.05
C ASP A 328 2.62 -17.02 17.82
N PHE A 329 3.67 -16.58 18.55
CA PHE A 329 4.42 -17.47 19.42
C PHE A 329 3.99 -17.30 20.87
N GLY A 330 3.33 -16.16 21.16
CA GLY A 330 2.86 -15.77 22.48
C GLY A 330 1.46 -15.19 22.39
N PHE A 331 0.95 -14.61 23.48
CA PHE A 331 -0.32 -13.91 23.50
C PHE A 331 -0.16 -12.55 22.81
N CYS A 332 0.92 -11.83 23.17
CA CYS A 332 1.13 -10.49 22.62
C CYS A 332 1.46 -10.51 21.14
N ALA A 333 2.12 -11.58 20.69
CA ALA A 333 2.52 -11.76 19.31
C ALA A 333 1.41 -12.32 18.42
N GLN A 334 0.22 -12.65 18.94
CA GLN A 334 -0.91 -12.99 18.08
C GLN A 334 -1.53 -11.77 17.39
N ILE A 335 -0.91 -11.31 16.32
CA ILE A 335 -1.26 -10.08 15.65
C ILE A 335 -1.63 -10.37 14.19
N THR A 336 -2.44 -11.42 14.03
CA THR A 336 -2.77 -12.01 12.75
C THR A 336 -4.26 -12.34 12.77
N PRO A 337 -5.03 -12.07 11.70
CA PRO A 337 -6.42 -12.53 11.63
C PRO A 337 -6.48 -14.06 11.55
N GLU A 338 -7.14 -14.69 12.53
CA GLU A 338 -7.32 -16.14 12.57
C GLU A 338 -8.61 -16.53 13.33
N VAL A 346 -12.06 -25.25 14.03
CA VAL A 346 -12.54 -24.65 12.74
C VAL A 346 -11.39 -24.54 11.75
N GLY A 347 -11.67 -24.82 10.46
CA GLY A 347 -10.63 -25.12 9.47
C GLY A 347 -9.89 -26.44 9.76
N THR A 348 -8.91 -26.78 8.92
CA THR A 348 -8.17 -28.03 9.05
C THR A 348 -6.73 -27.72 9.48
N PRO A 349 -6.19 -28.40 10.51
CA PRO A 349 -4.86 -28.08 11.04
C PRO A 349 -3.71 -28.74 10.26
N TYR A 350 -3.55 -28.32 9.02
CA TYR A 350 -2.63 -28.93 8.09
C TYR A 350 -1.16 -28.86 8.51
N TRP A 351 -0.80 -27.92 9.35
CA TRP A 351 0.58 -27.74 9.76
C TRP A 351 1.00 -28.66 10.91
N MET A 352 0.06 -29.43 11.49
CA MET A 352 0.33 -30.17 12.70
C MET A 352 1.07 -31.48 12.45
N ALA A 353 1.94 -31.78 13.41
CA ALA A 353 2.78 -32.97 13.39
C ALA A 353 2.01 -34.17 13.90
N PRO A 354 2.40 -35.40 13.51
CA PRO A 354 1.70 -36.62 13.91
C PRO A 354 1.62 -36.86 15.42
N GLU A 355 2.69 -36.59 16.18
CA GLU A 355 2.62 -36.77 17.63
C GLU A 355 1.59 -35.84 18.32
N VAL A 356 1.32 -34.68 17.75
CA VAL A 356 0.32 -33.76 18.26
C VAL A 356 -1.08 -34.35 18.04
N VAL A 357 -1.40 -34.72 16.81
CA VAL A 357 -2.76 -35.15 16.47
C VAL A 357 -3.04 -36.56 16.98
N THR A 358 -1.99 -37.35 17.28
CA THR A 358 -2.19 -38.60 18.01
C THR A 358 -2.34 -38.35 19.51
N ARG A 359 -2.50 -37.08 19.92
CA ARG A 359 -2.75 -36.68 21.31
C ARG A 359 -1.59 -37.08 22.23
N LYS A 360 -0.42 -37.47 21.66
CA LYS A 360 0.75 -37.97 22.39
C LYS A 360 1.50 -36.76 22.98
N ALA A 361 2.48 -37.03 23.85
CA ALA A 361 3.41 -35.99 24.31
C ALA A 361 4.20 -35.43 23.12
N TYR A 362 4.59 -34.14 23.18
CA TYR A 362 5.35 -33.53 22.08
C TYR A 362 6.31 -32.47 22.57
N GLY A 363 7.28 -32.14 21.71
CA GLY A 363 8.32 -31.17 22.07
C GLY A 363 8.69 -30.32 20.85
N PRO A 364 9.75 -29.50 20.93
CA PRO A 364 9.98 -28.43 19.95
C PRO A 364 10.12 -28.87 18.51
N LYS A 365 10.35 -30.16 18.25
CA LYS A 365 10.49 -30.61 16.87
C LYS A 365 9.15 -30.64 16.13
N VAL A 366 8.04 -30.28 16.78
CA VAL A 366 6.78 -30.11 16.08
C VAL A 366 6.85 -28.90 15.16
N ASP A 367 7.67 -27.90 15.53
CA ASP A 367 7.83 -26.69 14.74
C ASP A 367 8.62 -26.97 13.49
N ILE A 368 9.53 -27.95 13.58
CA ILE A 368 10.29 -28.40 12.43
C ILE A 368 9.40 -29.15 11.43
N TRP A 369 8.48 -29.99 11.89
CA TRP A 369 7.48 -30.54 11.00
C TRP A 369 6.68 -29.46 10.30
N SER A 370 6.15 -28.50 11.06
CA SER A 370 5.34 -27.43 10.52
C SER A 370 6.12 -26.59 9.50
N LEU A 371 7.41 -26.35 9.77
CA LEU A 371 8.29 -25.72 8.79
C LEU A 371 8.40 -26.55 7.51
N GLY A 372 8.43 -27.88 7.62
CA GLY A 372 8.45 -28.74 6.46
C GLY A 372 7.18 -28.60 5.64
N ILE A 373 6.03 -28.65 6.31
CA ILE A 373 4.79 -28.49 5.59
C ILE A 373 4.75 -27.10 4.93
N MET A 374 5.31 -26.09 5.59
CA MET A 374 5.36 -24.75 5.06
C MET A 374 6.23 -24.69 3.81
N ALA A 375 7.33 -25.43 3.80
CA ALA A 375 8.17 -25.53 2.61
C ALA A 375 7.44 -26.19 1.42
N ILE A 376 6.62 -27.22 1.68
CA ILE A 376 5.72 -27.80 0.69
C ILE A 376 4.77 -26.72 0.17
N GLU A 377 4.11 -25.98 1.08
CA GLU A 377 3.14 -24.95 0.70
C GLU A 377 3.79 -23.88 -0.18
N MET A 378 5.05 -23.58 0.09
CA MET A 378 5.75 -22.58 -0.70
C MET A 378 5.99 -23.03 -2.14
N VAL A 379 6.27 -24.31 -2.36
CA VAL A 379 6.56 -24.82 -3.71
C VAL A 379 5.29 -25.26 -4.43
N GLU A 380 4.19 -25.54 -3.72
CA GLU A 380 2.93 -25.97 -4.32
C GLU A 380 1.89 -24.85 -4.41
N GLY A 381 2.07 -23.76 -3.66
CA GLY A 381 1.23 -22.57 -3.81
C GLY A 381 -0.07 -22.58 -2.99
N GLU A 382 -0.42 -23.75 -2.47
CA GLU A 382 -1.55 -23.92 -1.56
C GLU A 382 -1.15 -24.93 -0.50
N PRO A 383 -1.77 -24.89 0.69
CA PRO A 383 -1.48 -25.88 1.73
C PRO A 383 -2.12 -27.22 1.38
N PRO A 384 -1.67 -28.31 2.02
CA PRO A 384 -2.29 -29.61 1.83
C PRO A 384 -3.67 -29.68 2.47
N TYR A 385 -4.43 -30.70 2.05
CA TYR A 385 -5.74 -31.06 2.58
C TYR A 385 -6.80 -29.97 2.37
N LEU A 386 -6.65 -29.16 1.33
CA LEU A 386 -7.41 -27.92 1.19
C LEU A 386 -8.93 -28.15 1.20
N ASN A 387 -9.41 -29.15 0.45
CA ASN A 387 -10.83 -29.43 0.35
C ASN A 387 -11.27 -30.62 1.22
N GLU A 388 -10.37 -31.14 2.05
CA GLU A 388 -10.59 -32.37 2.82
C GLU A 388 -11.45 -32.08 4.06
N ASN A 389 -12.23 -33.08 4.48
CA ASN A 389 -12.85 -33.09 5.80
C ASN A 389 -11.74 -32.97 6.86
N PRO A 390 -11.88 -32.11 7.89
CA PRO A 390 -10.83 -31.96 8.91
C PRO A 390 -10.50 -33.25 9.66
N LEU A 391 -11.52 -34.10 9.90
CA LEU A 391 -11.32 -35.38 10.57
C LEU A 391 -10.53 -36.34 9.68
N ARG A 392 -10.84 -36.40 8.38
CA ARG A 392 -10.05 -37.23 7.48
C ARG A 392 -8.63 -36.68 7.33
N ALA A 393 -8.46 -35.35 7.30
CA ALA A 393 -7.13 -34.77 7.21
C ALA A 393 -6.30 -35.16 8.43
N LEU A 394 -6.91 -35.10 9.62
CA LEU A 394 -6.22 -35.52 10.84
C LEU A 394 -5.86 -37.01 10.80
N TYR A 395 -6.77 -37.86 10.32
CA TYR A 395 -6.46 -39.27 10.17
C TYR A 395 -5.25 -39.46 9.25
N LEU A 396 -5.27 -38.85 8.07
CA LEU A 396 -4.15 -38.93 7.14
C LEU A 396 -2.83 -38.46 7.76
N ILE A 397 -2.83 -37.38 8.54
CA ILE A 397 -1.61 -36.90 9.18
C ILE A 397 -1.08 -37.98 10.11
N ALA A 398 -1.96 -38.61 10.91
CA ALA A 398 -1.54 -39.60 11.91
C ALA A 398 -0.99 -40.86 11.25
N THR A 399 -1.61 -41.35 10.16
CA THR A 399 -1.19 -42.58 9.50
C THR A 399 -0.11 -42.39 8.42
N ASN A 400 -0.28 -41.42 7.52
CA ASN A 400 0.58 -41.29 6.35
C ASN A 400 1.75 -40.33 6.58
N GLY A 401 1.64 -39.45 7.59
CA GLY A 401 2.62 -38.39 7.84
C GLY A 401 2.55 -37.27 6.80
N THR A 402 3.53 -37.24 5.88
CA THR A 402 3.56 -36.24 4.83
C THR A 402 2.36 -36.41 3.89
N PRO A 403 1.73 -35.31 3.43
CA PRO A 403 0.84 -35.39 2.27
C PRO A 403 1.70 -35.71 1.04
N GLU A 404 1.01 -36.00 -0.09
CA GLU A 404 1.69 -36.42 -1.31
C GLU A 404 1.84 -35.23 -2.28
N LEU A 405 3.01 -35.08 -2.89
CA LEU A 405 3.33 -33.89 -3.67
C LEU A 405 2.64 -33.95 -5.05
N GLN A 406 2.31 -32.78 -5.64
CA GLN A 406 1.61 -32.73 -6.91
C GLN A 406 2.55 -33.01 -8.10
N ASN A 407 3.84 -32.64 -8.01
CA ASN A 407 4.80 -32.74 -9.12
C ASN A 407 6.23 -32.96 -8.57
N PRO A 408 6.43 -34.01 -7.74
CA PRO A 408 7.68 -34.19 -6.99
C PRO A 408 8.97 -34.36 -7.80
N GLU A 409 8.87 -34.59 -9.12
CA GLU A 409 10.03 -34.88 -9.96
C GLU A 409 10.87 -33.62 -10.23
N LYS A 410 10.31 -32.41 -10.01
CA LYS A 410 10.97 -31.15 -10.36
C LYS A 410 12.02 -30.73 -9.33
N LEU A 411 11.84 -31.19 -8.08
CA LEU A 411 12.54 -30.66 -6.90
C LEU A 411 13.96 -31.24 -6.82
N SER A 412 14.94 -30.40 -6.48
CA SER A 412 16.32 -30.84 -6.40
C SER A 412 16.48 -31.99 -5.40
N PRO A 413 17.52 -32.85 -5.53
CA PRO A 413 17.83 -33.83 -4.51
C PRO A 413 18.01 -33.19 -3.13
N ILE A 414 18.70 -32.04 -3.07
CA ILE A 414 19.10 -31.46 -1.79
C ILE A 414 17.89 -30.81 -1.07
N PHE A 415 16.95 -30.25 -1.80
CA PHE A 415 15.71 -29.83 -1.20
C PHE A 415 14.92 -31.05 -0.70
N ARG A 416 14.89 -32.15 -1.45
CA ARG A 416 14.16 -33.33 -1.02
C ARG A 416 14.80 -33.90 0.24
N ASP A 417 16.13 -33.79 0.38
CA ASP A 417 16.78 -34.27 1.61
C ASP A 417 16.35 -33.40 2.79
N PHE A 418 16.27 -32.08 2.58
CA PHE A 418 15.84 -31.11 3.57
C PHE A 418 14.43 -31.44 4.03
N LEU A 419 13.48 -31.57 3.09
CA LEU A 419 12.10 -31.96 3.40
C LEU A 419 12.03 -33.28 4.16
N ASN A 420 12.83 -34.27 3.80
CA ASN A 420 12.89 -35.53 4.51
C ASN A 420 13.33 -35.32 5.96
N ARG A 421 14.38 -34.53 6.21
CA ARG A 421 14.82 -34.32 7.58
C ARG A 421 13.77 -33.55 8.39
N CYS A 422 12.90 -32.74 7.76
CA CYS A 422 11.87 -31.98 8.45
C CYS A 422 10.65 -32.86 8.70
N LEU A 423 10.30 -33.71 7.73
CA LEU A 423 9.04 -34.41 7.77
C LEU A 423 9.21 -35.90 8.09
N GLU A 424 10.31 -36.24 8.77
CA GLU A 424 10.51 -37.58 9.27
C GLU A 424 9.51 -37.82 10.39
N MET A 425 8.72 -38.90 10.36
CA MET A 425 7.70 -39.11 11.40
C MET A 425 8.33 -39.49 12.74
N ASP A 426 9.55 -40.05 12.73
CA ASP A 426 10.22 -40.38 13.96
C ASP A 426 10.86 -39.11 14.55
N VAL A 427 10.35 -38.70 15.71
CA VAL A 427 10.83 -37.50 16.40
C VAL A 427 12.34 -37.52 16.66
N GLU A 428 12.93 -38.71 16.88
CA GLU A 428 14.34 -38.81 17.17
C GLU A 428 15.19 -38.59 15.91
N LYS A 429 14.67 -39.04 14.75
CA LYS A 429 15.34 -38.93 13.45
C LYS A 429 15.16 -37.51 12.90
N ARG A 430 14.01 -36.88 13.18
CA ARG A 430 13.67 -35.55 12.71
C ARG A 430 14.69 -34.54 13.21
N GLY A 431 15.06 -33.59 12.33
CA GLY A 431 16.03 -32.55 12.63
C GLY A 431 15.61 -31.64 13.77
N SER A 432 16.61 -31.04 14.45
CA SER A 432 16.37 -29.89 15.30
C SER A 432 16.74 -28.61 14.53
N ALA A 433 16.27 -27.46 15.02
CA ALA A 433 16.54 -26.17 14.40
C ALA A 433 18.04 -25.95 14.24
N LYS A 434 18.83 -26.21 15.31
CA LYS A 434 20.30 -25.97 15.33
C LYS A 434 21.02 -26.87 14.31
N GLU A 435 20.45 -28.04 14.03
CA GLU A 435 21.00 -28.99 13.06
C GLU A 435 20.63 -28.61 11.65
N LEU A 436 19.34 -28.39 11.37
CA LEU A 436 18.89 -28.04 10.03
C LEU A 436 19.47 -26.70 9.56
N LEU A 437 19.88 -25.81 10.48
CA LEU A 437 20.55 -24.59 10.07
C LEU A 437 21.85 -24.89 9.34
N GLN A 438 22.42 -26.07 9.56
CA GLN A 438 23.66 -26.50 8.89
C GLN A 438 23.38 -27.32 7.63
N HIS A 439 22.12 -27.52 7.29
CA HIS A 439 21.79 -28.43 6.20
C HIS A 439 22.15 -27.76 4.88
N PRO A 440 22.77 -28.52 3.94
CA PRO A 440 23.28 -27.95 2.70
C PRO A 440 22.25 -27.25 1.83
N PHE A 441 20.96 -27.47 2.02
CA PHE A 441 19.96 -26.72 1.24
C PHE A 441 20.08 -25.21 1.45
N LEU A 442 20.40 -24.78 2.68
CA LEU A 442 20.39 -23.37 3.02
C LEU A 442 21.64 -22.68 2.44
N LYS A 443 22.58 -23.46 1.89
CA LYS A 443 23.69 -22.91 1.13
C LYS A 443 23.17 -22.25 -0.16
N LEU A 444 22.03 -22.72 -0.71
CA LEU A 444 21.49 -22.25 -1.97
C LEU A 444 20.78 -20.90 -1.82
N ALA A 445 20.64 -20.41 -0.58
CA ALA A 445 19.76 -19.29 -0.32
C ALA A 445 20.23 -18.04 -1.07
N LYS A 446 19.29 -17.41 -1.79
CA LYS A 446 19.46 -16.09 -2.36
C LYS A 446 19.46 -14.99 -1.28
N PRO A 447 19.92 -13.76 -1.64
CA PRO A 447 19.73 -12.59 -0.78
C PRO A 447 18.24 -12.33 -0.57
N LEU A 448 17.90 -11.82 0.62
CA LEU A 448 16.50 -11.64 1.00
C LEU A 448 15.82 -10.59 0.12
N SER A 449 16.58 -9.58 -0.35
CA SER A 449 16.08 -8.64 -1.35
C SER A 449 15.45 -9.31 -2.57
N SER A 450 15.78 -10.57 -2.86
CA SER A 450 15.22 -11.23 -4.03
C SER A 450 13.76 -11.49 -3.83
N LEU A 451 13.25 -11.33 -2.59
CA LEU A 451 11.83 -11.49 -2.36
C LEU A 451 11.06 -10.22 -2.75
N THR A 452 11.73 -9.08 -2.82
CA THR A 452 11.09 -7.80 -3.05
C THR A 452 10.14 -7.81 -4.24
N PRO A 453 10.53 -8.27 -5.44
CA PRO A 453 9.61 -8.26 -6.58
C PRO A 453 8.41 -9.17 -6.38
N LEU A 454 8.55 -10.22 -5.58
CA LEU A 454 7.43 -11.13 -5.34
C LEU A 454 6.45 -10.51 -4.36
N ILE A 455 6.99 -9.78 -3.36
CA ILE A 455 6.17 -9.06 -2.41
C ILE A 455 5.34 -7.97 -3.10
N MET A 456 5.96 -7.23 -4.03
CA MET A 456 5.26 -6.22 -4.79
C MET A 456 4.25 -6.83 -5.74
N ALA A 457 4.61 -7.91 -6.44
CA ALA A 457 3.67 -8.65 -7.27
C ALA A 457 2.43 -9.10 -6.50
N ALA A 458 2.66 -9.66 -5.31
CA ALA A 458 1.60 -10.06 -4.40
C ALA A 458 0.68 -8.90 -4.04
N LYS A 459 1.23 -7.77 -3.58
CA LYS A 459 0.45 -6.59 -3.23
C LYS A 459 -0.40 -6.07 -4.38
N GLU A 460 0.16 -6.04 -5.58
CA GLU A 460 -0.53 -5.52 -6.75
C GLU A 460 -1.59 -6.50 -7.25
N ALA A 461 -1.48 -7.78 -6.90
CA ALA A 461 -2.55 -8.74 -7.15
C ALA A 461 -3.66 -8.64 -6.09
N MET A 462 -3.28 -8.40 -4.83
CA MET A 462 -4.18 -8.42 -3.69
C MET A 462 -5.27 -7.36 -3.82
N LYS A 463 -4.89 -6.08 -3.97
CA LYS A 463 -5.82 -4.95 -4.08
C LYS A 463 -6.96 -5.08 -3.04
N SER A 464 -8.22 -5.30 -3.50
CA SER A 464 -9.36 -5.74 -2.68
C SER A 464 -9.55 -4.84 -1.46
N VAL B 33 7.66 55.45 -30.34
CA VAL B 33 8.15 54.04 -30.20
C VAL B 33 9.68 53.99 -30.40
N THR B 34 10.23 54.79 -31.34
CA THR B 34 11.67 54.95 -31.53
C THR B 34 12.28 55.50 -30.23
N GLY B 35 13.49 55.07 -29.85
CA GLY B 35 14.02 55.40 -28.54
C GLY B 35 13.06 54.88 -27.47
N GLU B 36 12.59 55.75 -26.56
CA GLU B 36 11.66 55.38 -25.49
C GLU B 36 10.30 55.00 -26.09
N PHE B 37 9.60 54.01 -25.49
CA PHE B 37 8.34 53.49 -25.99
C PHE B 37 7.27 54.58 -26.01
N THR B 38 6.33 54.47 -26.97
CA THR B 38 5.24 55.43 -27.17
C THR B 38 4.14 55.37 -26.10
N GLY B 39 3.59 56.54 -25.75
CA GLY B 39 2.41 56.70 -24.90
C GLY B 39 2.47 55.99 -23.54
N MET B 40 3.68 55.81 -22.97
CA MET B 40 3.91 54.98 -21.78
C MET B 40 3.20 55.53 -20.53
N PRO B 41 2.46 54.71 -19.75
CA PRO B 41 1.69 55.19 -18.59
C PRO B 41 2.51 55.40 -17.31
N GLU B 42 3.82 55.10 -17.36
CA GLU B 42 4.79 55.30 -16.28
C GLU B 42 4.54 54.39 -15.06
N GLN B 43 3.44 53.62 -15.03
CA GLN B 43 3.18 52.62 -13.98
C GLN B 43 4.23 51.49 -14.01
N TRP B 44 4.86 51.28 -15.18
CA TRP B 44 5.67 50.12 -15.47
C TRP B 44 7.16 50.43 -15.69
N ALA B 45 7.55 51.71 -15.68
CA ALA B 45 8.88 52.16 -16.11
C ALA B 45 10.03 51.44 -15.38
N ARG B 46 9.88 51.27 -14.04
CA ARG B 46 10.87 50.57 -13.20
C ARG B 46 11.02 49.10 -13.61
N LEU B 47 9.96 48.49 -14.18
CA LEU B 47 9.96 47.06 -14.46
C LEU B 47 10.83 46.70 -15.68
N LEU B 48 10.67 47.40 -16.83
CA LEU B 48 11.53 47.17 -17.99
C LEU B 48 12.99 47.46 -17.60
N GLN B 49 13.21 48.59 -16.91
CA GLN B 49 14.52 49.00 -16.43
C GLN B 49 15.18 47.94 -15.54
N THR B 50 14.43 47.30 -14.63
CA THR B 50 14.97 46.32 -13.67
C THR B 50 15.17 44.93 -14.30
N SER B 51 14.23 44.47 -15.14
CA SER B 51 14.06 43.07 -15.57
C SER B 51 15.19 42.45 -16.41
N ASN B 52 16.27 43.17 -16.73
CA ASN B 52 17.29 42.61 -17.59
C ASN B 52 16.75 42.42 -19.01
N ILE B 53 15.74 43.21 -19.41
CA ILE B 53 15.23 43.25 -20.78
C ILE B 53 15.79 44.50 -21.45
N THR B 54 16.62 44.36 -22.50
CA THR B 54 17.34 45.50 -23.06
C THR B 54 16.44 46.25 -24.05
N LYS B 55 16.76 47.52 -24.32
CA LYS B 55 15.93 48.33 -25.20
C LYS B 55 16.01 47.83 -26.64
N LEU B 56 17.07 47.12 -27.07
CA LEU B 56 17.03 46.51 -28.39
C LEU B 56 16.04 45.33 -28.44
N GLU B 57 15.76 44.68 -27.31
CA GLU B 57 14.69 43.70 -27.26
C GLU B 57 13.33 44.39 -27.40
N GLN B 58 13.16 45.59 -26.82
CA GLN B 58 11.99 46.43 -27.07
C GLN B 58 11.92 46.80 -28.57
N LYS B 59 13.05 47.14 -29.21
CA LYS B 59 13.06 47.39 -30.65
C LYS B 59 12.58 46.18 -31.43
N LYS B 60 13.06 44.97 -31.09
CA LYS B 60 12.85 43.81 -31.95
C LYS B 60 11.34 43.55 -32.14
N ASN B 61 10.57 43.63 -31.05
CA ASN B 61 9.12 43.77 -31.16
C ASN B 61 8.59 44.56 -29.96
N PRO B 62 8.18 45.85 -30.14
CA PRO B 62 7.70 46.67 -29.03
C PRO B 62 6.26 46.33 -28.61
N GLN B 63 5.41 45.94 -29.57
CA GLN B 63 4.04 45.56 -29.28
C GLN B 63 4.03 44.39 -28.29
N ALA B 64 4.93 43.42 -28.50
CA ALA B 64 5.09 42.31 -27.57
C ALA B 64 5.36 42.80 -26.14
N VAL B 65 6.29 43.78 -25.96
CA VAL B 65 6.62 44.30 -24.63
C VAL B 65 5.41 44.94 -23.95
N LEU B 66 4.59 45.69 -24.71
CA LEU B 66 3.35 46.26 -24.18
C LEU B 66 2.44 45.15 -23.66
N ASP B 67 2.16 44.14 -24.51
CA ASP B 67 1.25 43.07 -24.18
C ASP B 67 1.75 42.24 -22.99
N VAL B 68 3.07 42.02 -22.92
CA VAL B 68 3.71 41.36 -21.78
C VAL B 68 3.47 42.14 -20.48
N LEU B 69 3.70 43.46 -20.49
CA LEU B 69 3.51 44.31 -19.31
C LEU B 69 2.04 44.34 -18.88
N LYS B 70 1.12 44.50 -19.83
CA LYS B 70 -0.31 44.55 -19.54
C LYS B 70 -0.82 43.20 -19.02
N PHE B 71 -0.22 42.10 -19.49
CA PHE B 71 -0.51 40.76 -18.98
C PHE B 71 0.03 40.60 -17.55
N TYR B 72 1.29 41.00 -17.31
CA TYR B 72 2.05 40.66 -16.12
C TYR B 72 1.35 41.00 -14.82
N ASP B 73 0.89 42.25 -14.66
CA ASP B 73 0.24 42.66 -13.43
C ASP B 73 -1.25 42.26 -13.41
N SER B 74 -1.86 41.96 -14.58
CA SER B 74 -3.18 41.38 -14.67
C SER B 74 -3.14 39.89 -14.33
N ASN B 75 -2.61 39.54 -13.15
CA ASN B 75 -2.36 38.15 -12.78
C ASN B 75 -3.67 37.34 -12.65
N THR B 76 -3.58 36.02 -12.91
CA THR B 76 -4.62 35.07 -12.51
C THR B 76 -4.16 34.37 -11.23
N VAL B 77 -5.06 34.38 -10.22
CA VAL B 77 -4.84 33.93 -8.85
C VAL B 77 -6.16 33.40 -8.27
N LYS B 78 -6.11 32.80 -7.07
CA LYS B 78 -7.25 32.19 -6.37
C LYS B 78 -7.71 30.90 -7.07
N GLN B 79 -8.38 30.01 -6.30
CA GLN B 79 -8.78 28.70 -6.80
C GLN B 79 -9.79 28.86 -7.94
N LYS B 80 -9.65 28.00 -8.96
CA LYS B 80 -10.61 27.88 -10.07
C LYS B 80 -11.69 26.87 -9.67
N TYR B 81 -12.86 26.91 -10.34
CA TYR B 81 -14.02 26.12 -9.93
C TYR B 81 -14.69 25.42 -11.15
N LYS B 168 -24.66 34.07 4.44
CA LYS B 168 -25.35 34.52 3.20
C LYS B 168 -26.18 33.39 2.61
N MET B 169 -25.85 32.12 2.91
CA MET B 169 -26.57 30.98 2.35
C MET B 169 -27.34 30.23 3.46
N THR B 170 -28.61 29.91 3.25
CA THR B 170 -29.41 29.34 4.33
C THR B 170 -29.14 27.84 4.45
N ASP B 171 -29.49 27.26 5.60
CA ASP B 171 -29.36 25.83 5.80
C ASP B 171 -30.21 25.06 4.79
N GLU B 172 -31.37 25.59 4.40
CA GLU B 172 -32.24 24.91 3.44
C GLU B 172 -31.71 25.05 2.01
N GLU B 173 -31.07 26.18 1.69
CA GLU B 173 -30.36 26.35 0.44
C GLU B 173 -29.20 25.35 0.29
N ILE B 174 -28.32 25.17 1.29
CA ILE B 174 -27.25 24.18 1.18
C ILE B 174 -27.83 22.78 1.13
N MET B 175 -28.89 22.48 1.90
CA MET B 175 -29.46 21.14 1.83
C MET B 175 -30.04 20.83 0.44
N GLU B 176 -30.63 21.83 -0.25
CA GLU B 176 -31.12 21.60 -1.60
C GLU B 176 -29.94 21.40 -2.55
N LYS B 177 -28.91 22.24 -2.43
CA LYS B 177 -27.70 22.10 -3.25
C LYS B 177 -26.90 20.80 -3.00
N LEU B 178 -26.91 20.20 -1.79
CA LEU B 178 -26.16 19.00 -1.48
C LEU B 178 -27.00 17.77 -1.73
N ARG B 179 -28.17 17.90 -2.37
CA ARG B 179 -29.14 16.81 -2.41
C ARG B 179 -28.63 15.63 -3.25
N THR B 180 -27.97 15.97 -4.35
CA THR B 180 -27.52 14.99 -5.33
C THR B 180 -26.15 14.43 -4.93
N ILE B 181 -25.34 15.23 -4.24
CA ILE B 181 -23.94 14.91 -3.99
C ILE B 181 -23.67 14.18 -2.66
N VAL B 182 -24.63 14.11 -1.75
CA VAL B 182 -24.36 13.56 -0.42
C VAL B 182 -24.94 12.15 -0.32
N SER B 183 -24.11 11.23 0.18
CA SER B 183 -24.48 9.86 0.44
C SER B 183 -24.70 9.66 1.93
N ILE B 184 -25.78 8.98 2.28
CA ILE B 184 -26.03 8.58 3.63
C ILE B 184 -25.14 7.39 3.94
N GLY B 185 -24.12 7.60 4.79
CA GLY B 185 -23.19 6.58 5.26
C GLY B 185 -22.20 7.16 6.27
N ASP B 186 -21.42 6.29 6.95
CA ASP B 186 -20.52 6.76 7.99
C ASP B 186 -19.05 6.76 7.54
N PRO B 187 -18.41 7.91 7.30
CA PRO B 187 -16.99 7.93 6.95
C PRO B 187 -16.08 7.22 7.94
N LYS B 188 -16.50 7.01 9.20
CA LYS B 188 -15.71 6.29 10.19
C LYS B 188 -15.76 4.78 9.94
N LYS B 189 -16.77 4.29 9.22
CA LYS B 189 -16.89 2.87 8.86
C LYS B 189 -16.53 2.58 7.39
N LYS B 190 -16.76 3.49 6.49
CA LYS B 190 -16.52 3.27 5.07
C LYS B 190 -15.07 3.48 4.68
N TYR B 191 -14.26 4.07 5.55
CA TYR B 191 -12.84 4.30 5.28
C TYR B 191 -11.99 3.97 6.51
N THR B 192 -10.73 3.56 6.29
CA THR B 192 -9.75 3.27 7.33
C THR B 192 -8.38 3.79 6.88
N ARG B 193 -7.36 3.58 7.72
CA ARG B 193 -5.97 4.01 7.48
C ARG B 193 -5.99 5.52 7.25
N TYR B 194 -6.81 6.20 8.07
CA TYR B 194 -6.82 7.65 8.09
C TYR B 194 -5.53 8.26 8.60
N GLU B 195 -4.98 9.17 7.78
CA GLU B 195 -3.83 9.97 8.18
C GLU B 195 -4.06 11.38 7.70
N LYS B 196 -3.81 12.38 8.57
CA LYS B 196 -3.93 13.78 8.23
C LYS B 196 -2.71 14.20 7.43
N ILE B 197 -2.92 14.83 6.26
CA ILE B 197 -1.83 15.26 5.38
C ILE B 197 -1.84 16.76 5.05
N GLY B 198 -2.77 17.54 5.61
CA GLY B 198 -2.87 18.96 5.34
C GLY B 198 -3.92 19.64 6.23
N GLN B 199 -3.68 20.91 6.62
CA GLN B 199 -4.62 21.64 7.46
C GLN B 199 -4.47 23.13 7.20
N GLY B 200 -5.47 23.79 6.60
CA GLY B 200 -5.34 25.19 6.24
C GLY B 200 -6.64 25.84 5.75
N ALA B 201 -6.51 26.84 4.87
CA ALA B 201 -7.63 27.67 4.42
C ALA B 201 -8.69 26.85 3.69
N SER B 202 -8.21 25.86 2.92
CA SER B 202 -9.05 25.02 2.09
C SER B 202 -9.61 23.83 2.89
N GLY B 203 -9.52 23.88 4.23
CA GLY B 203 -9.99 22.81 5.10
C GLY B 203 -8.86 21.87 5.57
N THR B 204 -9.27 20.75 6.17
CA THR B 204 -8.36 19.69 6.59
C THR B 204 -8.38 18.51 5.60
N VAL B 205 -7.22 17.98 5.23
CA VAL B 205 -7.12 16.88 4.26
C VAL B 205 -6.52 15.62 4.89
N PHE B 206 -7.19 14.50 4.65
CA PHE B 206 -6.76 13.19 5.07
C PHE B 206 -6.51 12.32 3.84
N THR B 207 -5.66 11.28 3.95
CA THR B 207 -5.76 10.11 3.12
C THR B 207 -6.40 8.96 3.88
N ALA B 208 -7.10 8.09 3.15
CA ALA B 208 -7.73 6.91 3.75
C ALA B 208 -7.83 5.84 2.69
N THR B 209 -8.24 4.63 3.04
CA THR B 209 -8.54 3.59 2.06
C THR B 209 -10.04 3.36 2.04
N ASP B 210 -10.63 3.41 0.86
CA ASP B 210 -12.02 3.01 0.70
C ASP B 210 -12.04 1.50 0.78
N VAL B 211 -12.71 0.96 1.80
CA VAL B 211 -12.70 -0.47 2.06
C VAL B 211 -13.45 -1.25 0.96
N ALA B 212 -14.37 -0.59 0.26
CA ALA B 212 -15.15 -1.26 -0.80
C ALA B 212 -14.38 -1.27 -2.14
N LEU B 213 -13.84 -0.13 -2.55
CA LEU B 213 -13.03 -0.01 -3.76
C LEU B 213 -11.63 -0.63 -3.57
N GLY B 214 -11.09 -0.63 -2.34
CA GLY B 214 -9.72 -1.05 -2.07
C GLY B 214 -8.71 -0.10 -2.69
N GLN B 215 -9.06 1.17 -2.73
CA GLN B 215 -8.18 2.22 -3.25
C GLN B 215 -7.92 3.29 -2.18
N GLU B 216 -6.76 3.93 -2.25
CA GLU B 216 -6.54 5.11 -1.45
C GLU B 216 -7.32 6.27 -2.04
N VAL B 217 -7.84 7.11 -1.13
CA VAL B 217 -8.66 8.26 -1.44
C VAL B 217 -8.18 9.42 -0.62
N ALA B 218 -8.38 10.61 -1.14
CA ALA B 218 -8.12 11.84 -0.41
C ALA B 218 -9.49 12.35 0.10
N ILE B 219 -9.54 12.78 1.36
CA ILE B 219 -10.76 13.27 1.98
C ILE B 219 -10.53 14.67 2.51
N ARG B 220 -11.29 15.66 2.01
CA ARG B 220 -11.21 17.02 2.51
C ARG B 220 -12.43 17.32 3.38
N GLN B 221 -12.19 17.78 4.61
CA GLN B 221 -13.23 18.31 5.49
C GLN B 221 -13.43 19.81 5.25
N ILE B 222 -14.64 20.18 4.82
CA ILE B 222 -15.04 21.57 4.67
C ILE B 222 -16.04 21.88 5.77
N ASN B 223 -15.83 22.93 6.55
CA ASN B 223 -16.83 23.39 7.50
C ASN B 223 -17.85 24.32 6.83
N LEU B 224 -19.10 23.86 6.68
CA LEU B 224 -20.14 24.60 5.98
C LEU B 224 -20.68 25.78 6.79
N GLN B 225 -20.24 26.01 8.03
CA GLN B 225 -20.49 27.27 8.71
C GLN B 225 -19.35 28.28 8.46
N LYS B 226 -18.09 27.83 8.54
CA LYS B 226 -16.92 28.71 8.47
C LYS B 226 -16.40 28.97 7.06
N GLN B 227 -16.57 28.08 6.09
CA GLN B 227 -15.95 28.23 4.77
C GLN B 227 -16.54 29.45 4.06
N PRO B 228 -15.73 30.32 3.41
CA PRO B 228 -16.24 31.59 2.92
C PRO B 228 -17.11 31.45 1.67
N LYS B 229 -16.65 30.61 0.72
CA LYS B 229 -17.21 30.59 -0.62
C LYS B 229 -17.96 29.28 -0.82
N LYS B 230 -18.88 29.00 0.11
CA LYS B 230 -19.60 27.74 0.22
C LYS B 230 -20.23 27.38 -1.12
N GLU B 231 -21.05 28.26 -1.70
CA GLU B 231 -21.82 27.89 -2.89
C GLU B 231 -20.92 27.61 -4.09
N LEU B 232 -19.75 28.29 -4.22
CA LEU B 232 -18.82 27.97 -5.30
C LEU B 232 -18.22 26.58 -5.14
N ILE B 233 -17.85 26.21 -3.92
CA ILE B 233 -17.31 24.88 -3.65
C ILE B 233 -18.36 23.79 -3.88
N ILE B 234 -19.61 23.99 -3.53
CA ILE B 234 -20.65 23.04 -3.86
C ILE B 234 -20.82 22.99 -5.40
N ASN B 235 -20.84 24.15 -6.06
CA ASN B 235 -20.97 24.18 -7.52
C ASN B 235 -19.84 23.39 -8.16
N GLU B 236 -18.63 23.60 -7.66
CA GLU B 236 -17.43 22.91 -8.14
C GLU B 236 -17.58 21.39 -8.02
N ILE B 237 -18.05 20.89 -6.90
CA ILE B 237 -18.30 19.46 -6.75
C ILE B 237 -19.36 19.01 -7.76
N LEU B 238 -20.41 19.82 -7.96
CA LEU B 238 -21.50 19.45 -8.85
C LEU B 238 -21.01 19.29 -10.29
N VAL B 239 -19.97 20.07 -10.68
CA VAL B 239 -19.31 19.92 -11.97
C VAL B 239 -18.66 18.53 -12.03
N MET B 240 -17.73 18.22 -11.12
CA MET B 240 -16.94 17.00 -11.29
C MET B 240 -17.69 15.72 -10.92
N LYS B 241 -18.84 15.84 -10.26
CA LYS B 241 -19.83 14.77 -10.11
C LYS B 241 -20.28 14.30 -11.50
N GLU B 242 -20.11 15.16 -12.52
CA GLU B 242 -20.52 14.87 -13.91
C GLU B 242 -19.30 14.72 -14.84
N LEU B 243 -18.20 15.48 -14.66
CA LEU B 243 -16.96 15.22 -15.40
C LEU B 243 -16.23 13.97 -14.91
N LYS B 244 -16.65 12.78 -15.32
CA LYS B 244 -15.99 11.55 -14.95
C LYS B 244 -15.12 11.02 -16.09
N ASN B 245 -13.85 10.79 -15.80
CA ASN B 245 -12.92 10.22 -16.76
C ASN B 245 -11.75 9.58 -16.02
N PRO B 246 -11.27 8.40 -16.44
CA PRO B 246 -10.13 7.77 -15.74
C PRO B 246 -8.82 8.57 -15.65
N ASN B 247 -8.56 9.59 -16.50
CA ASN B 247 -7.27 10.26 -16.52
C ASN B 247 -7.35 11.64 -15.88
N ILE B 248 -8.41 11.87 -15.08
CA ILE B 248 -8.40 13.02 -14.18
C ILE B 248 -8.68 12.55 -12.75
N VAL B 249 -8.35 13.37 -11.76
CA VAL B 249 -8.74 13.06 -10.40
C VAL B 249 -10.24 13.24 -10.23
N ASN B 250 -10.99 12.15 -10.03
CA ASN B 250 -12.43 12.20 -9.97
C ASN B 250 -12.97 12.39 -8.56
N PHE B 251 -14.17 12.98 -8.49
CA PHE B 251 -15.00 12.97 -7.30
C PHE B 251 -15.61 11.57 -7.10
N LEU B 252 -15.51 11.03 -5.88
CA LEU B 252 -15.96 9.68 -5.60
C LEU B 252 -17.25 9.65 -4.79
N ASP B 253 -17.26 10.41 -3.69
CA ASP B 253 -18.42 10.40 -2.80
C ASP B 253 -18.38 11.63 -1.85
N SER B 254 -19.51 11.89 -1.17
CA SER B 254 -19.51 12.94 -0.15
C SER B 254 -20.47 12.60 0.99
N TYR B 255 -20.13 13.10 2.20
CA TYR B 255 -20.93 12.87 3.38
C TYR B 255 -21.10 14.18 4.15
N LEU B 256 -22.24 14.28 4.83
CA LEU B 256 -22.44 15.42 5.71
C LEU B 256 -22.38 14.91 7.13
N VAL B 257 -21.45 15.49 7.91
CA VAL B 257 -21.22 15.10 9.29
C VAL B 257 -21.44 16.36 10.11
N GLY B 258 -22.68 16.57 10.57
CA GLY B 258 -23.01 17.78 11.30
C GLY B 258 -22.86 19.02 10.41
N ASP B 259 -21.82 19.80 10.67
CA ASP B 259 -21.55 21.05 9.97
C ASP B 259 -20.45 20.86 8.94
N GLU B 260 -19.80 19.69 8.91
CA GLU B 260 -18.64 19.47 8.03
C GLU B 260 -19.02 18.53 6.91
N LEU B 261 -18.61 18.95 5.71
CA LEU B 261 -18.77 18.20 4.49
C LEU B 261 -17.47 17.44 4.20
N PHE B 262 -17.60 16.12 4.11
CA PHE B 262 -16.49 15.28 3.75
C PHE B 262 -16.57 15.03 2.27
N VAL B 263 -15.56 15.48 1.51
CA VAL B 263 -15.56 15.35 0.06
C VAL B 263 -14.43 14.38 -0.30
N VAL B 264 -14.81 13.27 -0.92
CA VAL B 264 -13.87 12.19 -1.19
C VAL B 264 -13.47 12.18 -2.68
N MET B 265 -12.17 12.20 -2.89
CA MET B 265 -11.55 12.35 -4.20
C MET B 265 -10.62 11.14 -4.39
N GLU B 266 -10.37 10.78 -5.64
CA GLU B 266 -9.33 9.80 -5.94
C GLU B 266 -7.96 10.31 -5.48
N TYR B 267 -7.11 9.37 -5.08
CA TYR B 267 -5.75 9.68 -4.66
C TYR B 267 -4.78 8.74 -5.38
N LEU B 268 -3.63 9.29 -5.71
CA LEU B 268 -2.56 8.58 -6.32
C LEU B 268 -1.34 8.76 -5.43
N ALA B 269 -0.75 7.61 -5.04
CA ALA B 269 0.24 7.56 -3.98
C ALA B 269 1.68 7.72 -4.50
N GLY B 270 1.89 8.05 -5.77
CA GLY B 270 3.24 8.06 -6.32
C GLY B 270 3.77 9.47 -6.59
N GLY B 271 3.14 10.49 -6.05
CA GLY B 271 3.70 11.81 -6.25
C GLY B 271 3.23 12.41 -7.55
N SER B 272 4.05 13.33 -8.07
CA SER B 272 3.76 14.00 -9.33
C SER B 272 4.94 13.91 -10.30
N LEU B 273 4.68 14.23 -11.56
CA LEU B 273 5.69 14.14 -12.61
C LEU B 273 6.88 15.05 -12.34
N THR B 274 6.72 16.13 -11.59
CA THR B 274 7.85 16.97 -11.25
C THR B 274 8.83 16.18 -10.40
N ASP B 275 8.31 15.36 -9.47
CA ASP B 275 9.15 14.60 -8.55
C ASP B 275 9.99 13.61 -9.36
N VAL B 276 9.39 13.03 -10.38
CA VAL B 276 10.11 12.12 -11.25
C VAL B 276 11.15 12.84 -12.09
N VAL B 277 10.78 13.92 -12.83
CA VAL B 277 11.70 14.52 -13.80
C VAL B 277 12.87 15.24 -13.12
N THR B 278 12.70 15.64 -11.85
CA THR B 278 13.76 16.30 -11.09
C THR B 278 14.76 15.32 -10.47
N GLU B 279 14.36 14.10 -10.12
CA GLU B 279 15.27 13.10 -9.57
C GLU B 279 15.77 12.04 -10.58
N THR B 280 15.14 11.88 -11.76
CA THR B 280 15.42 10.75 -12.65
C THR B 280 15.30 11.14 -14.12
N CYS B 281 15.91 10.32 -15.01
CA CYS B 281 15.81 10.53 -16.46
C CYS B 281 14.84 9.54 -17.09
N MET B 282 13.80 10.08 -17.75
CA MET B 282 12.87 9.26 -18.51
C MET B 282 13.38 9.06 -19.92
N ASP B 283 13.00 7.92 -20.52
CA ASP B 283 13.36 7.61 -21.89
C ASP B 283 12.16 7.95 -22.81
N GLU B 284 12.32 7.83 -24.13
CA GLU B 284 11.26 8.24 -25.02
C GLU B 284 10.01 7.41 -24.83
N ALA B 285 10.18 6.11 -24.59
CA ALA B 285 9.03 5.23 -24.53
C ALA B 285 8.20 5.50 -23.29
N GLN B 286 8.84 6.00 -22.22
CA GLN B 286 8.14 6.46 -21.03
C GLN B 286 7.48 7.82 -21.29
N ILE B 287 8.17 8.73 -22.00
CA ILE B 287 7.61 10.03 -22.32
C ILE B 287 6.36 9.86 -23.19
N ALA B 288 6.41 8.93 -24.13
CA ALA B 288 5.29 8.63 -25.01
C ALA B 288 4.06 8.13 -24.26
N ALA B 289 4.29 7.33 -23.20
CA ALA B 289 3.23 6.82 -22.36
C ALA B 289 2.57 7.93 -21.55
N VAL B 290 3.39 8.81 -20.94
CA VAL B 290 2.87 9.97 -20.23
C VAL B 290 2.12 10.94 -21.13
N CYS B 291 2.63 11.17 -22.34
CA CYS B 291 1.94 12.01 -23.32
C CYS B 291 0.60 11.44 -23.74
N ARG B 292 0.53 10.14 -24.01
CA ARG B 292 -0.74 9.52 -24.37
C ARG B 292 -1.77 9.61 -23.25
N GLU B 293 -1.38 9.45 -21.96
CA GLU B 293 -2.32 9.55 -20.85
C GLU B 293 -2.80 10.99 -20.64
N CYS B 294 -1.90 11.98 -20.81
CA CYS B 294 -2.32 13.38 -20.73
C CYS B 294 -3.27 13.73 -21.87
N LEU B 295 -2.95 13.31 -23.10
CA LEU B 295 -3.77 13.63 -24.28
C LEU B 295 -5.15 13.00 -24.18
N GLN B 296 -5.25 11.85 -23.52
CA GLN B 296 -6.54 11.24 -23.31
C GLN B 296 -7.39 12.12 -22.40
N ALA B 297 -6.77 12.68 -21.36
CA ALA B 297 -7.46 13.56 -20.44
C ALA B 297 -7.88 14.84 -21.16
N LEU B 298 -7.00 15.41 -21.98
CA LEU B 298 -7.32 16.63 -22.69
C LEU B 298 -8.42 16.39 -23.73
N GLU B 299 -8.39 15.29 -24.48
CA GLU B 299 -9.44 15.02 -25.44
C GLU B 299 -10.77 15.00 -24.71
N PHE B 300 -10.85 14.39 -23.52
CA PHE B 300 -12.06 14.35 -22.71
C PHE B 300 -12.44 15.76 -22.23
N LEU B 301 -11.47 16.49 -21.68
CA LEU B 301 -11.77 17.82 -21.18
C LEU B 301 -12.24 18.75 -22.29
N HIS B 302 -11.53 18.79 -23.41
CA HIS B 302 -11.89 19.68 -24.50
C HIS B 302 -13.28 19.32 -25.06
N ALA B 303 -13.61 18.06 -25.22
CA ALA B 303 -14.93 17.64 -25.66
C ALA B 303 -16.02 18.07 -24.68
N ASN B 304 -15.73 18.04 -23.37
CA ASN B 304 -16.66 18.48 -22.35
C ASN B 304 -16.39 19.95 -21.97
N GLN B 305 -15.91 20.74 -22.93
CA GLN B 305 -15.97 22.20 -22.91
C GLN B 305 -15.00 22.84 -21.89
N VAL B 306 -14.01 22.09 -21.40
CA VAL B 306 -13.09 22.59 -20.38
C VAL B 306 -11.70 22.86 -20.98
N ILE B 307 -11.07 23.97 -20.59
CA ILE B 307 -9.67 24.25 -20.90
C ILE B 307 -8.88 24.28 -19.59
N HIS B 308 -7.79 23.53 -19.52
CA HIS B 308 -7.10 23.34 -18.25
C HIS B 308 -6.29 24.58 -17.83
N ARG B 309 -5.54 25.20 -18.75
CA ARG B 309 -4.76 26.44 -18.54
C ARG B 309 -3.50 26.21 -17.69
N ASP B 310 -3.44 25.15 -16.87
CA ASP B 310 -2.33 24.90 -15.95
C ASP B 310 -1.67 23.53 -16.19
N ILE B 311 -1.49 23.11 -17.45
CA ILE B 311 -0.82 21.84 -17.71
C ILE B 311 0.68 22.02 -17.51
N LYS B 312 1.17 21.41 -16.43
CA LYS B 312 2.59 21.37 -16.13
C LYS B 312 2.83 20.15 -15.23
N SER B 313 4.08 19.71 -15.15
CA SER B 313 4.44 18.49 -14.46
C SER B 313 3.83 18.42 -13.05
N ASP B 314 3.73 19.53 -12.32
CA ASP B 314 3.23 19.57 -10.96
C ASP B 314 1.79 19.08 -10.84
N ASN B 315 1.03 19.15 -11.96
CA ASN B 315 -0.40 18.83 -11.96
C ASN B 315 -0.66 17.47 -12.62
N VAL B 316 0.40 16.76 -13.00
CA VAL B 316 0.29 15.38 -13.47
C VAL B 316 0.63 14.43 -12.32
N LEU B 317 -0.39 13.74 -11.80
CA LEU B 317 -0.20 12.83 -10.67
C LEU B 317 0.07 11.43 -11.18
N LEU B 318 1.00 10.73 -10.52
CA LEU B 318 1.46 9.40 -10.91
C LEU B 318 1.07 8.41 -9.81
N GLY B 319 0.40 7.31 -10.18
CA GLY B 319 0.21 6.20 -9.27
C GLY B 319 1.44 5.31 -9.15
N MET B 320 1.58 4.54 -8.06
CA MET B 320 2.73 3.67 -7.85
C MET B 320 2.74 2.62 -8.96
N GLU B 321 1.54 2.18 -9.35
CA GLU B 321 1.32 1.25 -10.45
C GLU B 321 1.71 1.87 -11.81
N GLY B 322 1.94 3.20 -11.89
CA GLY B 322 2.25 3.90 -13.11
C GLY B 322 1.06 4.64 -13.74
N SER B 323 -0.14 4.58 -13.14
CA SER B 323 -1.32 5.28 -13.62
C SER B 323 -1.05 6.79 -13.67
N VAL B 324 -1.69 7.52 -14.59
CA VAL B 324 -1.41 8.94 -14.79
C VAL B 324 -2.75 9.69 -14.81
N LYS B 325 -2.90 10.70 -13.93
CA LYS B 325 -4.09 11.54 -13.86
C LYS B 325 -3.77 13.04 -13.83
N LEU B 326 -4.63 13.89 -14.43
CA LEU B 326 -4.53 15.34 -14.25
C LEU B 326 -5.27 15.78 -12.99
N THR B 327 -4.84 16.91 -12.40
CA THR B 327 -5.51 17.51 -11.26
C THR B 327 -5.32 19.03 -11.33
N ASP B 328 -5.88 19.78 -10.37
CA ASP B 328 -5.71 21.23 -10.27
C ASP B 328 -6.41 21.97 -11.43
N PHE B 329 -7.56 21.44 -11.89
CA PHE B 329 -8.45 22.13 -12.83
C PHE B 329 -9.66 22.61 -12.03
N GLY B 330 -9.53 22.55 -10.69
CA GLY B 330 -10.61 22.80 -9.74
C GLY B 330 -10.11 23.06 -8.31
N PHE B 331 -11.03 23.05 -7.35
CA PHE B 331 -10.74 23.28 -5.94
C PHE B 331 -10.72 21.94 -5.19
N CYS B 332 -11.61 21.00 -5.53
CA CYS B 332 -11.59 19.71 -4.89
C CYS B 332 -10.41 18.89 -5.41
N ALA B 333 -10.37 18.73 -6.74
CA ALA B 333 -9.19 18.28 -7.45
C ALA B 333 -8.15 19.40 -7.47
N GLN B 334 -7.46 19.62 -6.32
CA GLN B 334 -6.29 20.49 -6.27
C GLN B 334 -5.15 19.69 -5.64
N ILE B 335 -3.90 19.99 -6.04
CA ILE B 335 -2.74 19.35 -5.43
C ILE B 335 -2.64 19.79 -3.96
N THR B 336 -2.38 18.81 -3.08
CA THR B 336 -2.08 19.06 -1.67
C THR B 336 -1.14 17.92 -1.22
N PRO B 337 -0.13 18.16 -0.34
CA PRO B 337 0.87 17.12 -0.04
C PRO B 337 0.27 15.71 0.19
N THR B 348 7.14 32.96 -12.92
CA THR B 348 7.85 32.04 -13.88
C THR B 348 6.80 31.17 -14.59
N PRO B 349 5.98 31.74 -15.49
CA PRO B 349 4.85 31.04 -16.10
C PRO B 349 5.24 30.23 -17.34
N TYR B 350 6.23 29.36 -17.20
CA TYR B 350 6.94 28.74 -18.34
C TYR B 350 6.04 27.93 -19.26
N TRP B 351 4.90 27.45 -18.75
CA TRP B 351 4.00 26.60 -19.50
C TRP B 351 3.00 27.35 -20.39
N MET B 352 2.94 28.67 -20.29
CA MET B 352 1.91 29.42 -21.00
C MET B 352 2.26 29.55 -22.48
N ALA B 353 1.20 29.42 -23.31
CA ALA B 353 1.29 29.56 -24.75
C ALA B 353 1.46 31.01 -25.16
N PRO B 354 2.05 31.29 -26.34
CA PRO B 354 2.28 32.67 -26.75
C PRO B 354 0.99 33.47 -26.94
N GLU B 355 -0.12 32.87 -27.39
CA GLU B 355 -1.33 33.68 -27.58
C GLU B 355 -1.92 34.15 -26.25
N VAL B 356 -1.89 33.36 -25.19
CA VAL B 356 -2.38 33.82 -23.89
C VAL B 356 -1.45 34.89 -23.32
N VAL B 357 -0.13 34.72 -23.46
CA VAL B 357 0.84 35.72 -23.03
C VAL B 357 0.59 37.06 -23.75
N THR B 358 0.35 37.02 -25.07
CA THR B 358 0.13 38.23 -25.85
C THR B 358 -1.34 38.69 -25.83
N ARG B 359 -2.11 38.24 -24.82
CA ARG B 359 -3.47 38.68 -24.49
C ARG B 359 -4.49 38.41 -25.60
N LYS B 360 -4.11 37.73 -26.69
CA LYS B 360 -5.06 37.32 -27.72
C LYS B 360 -6.06 36.31 -27.13
N ALA B 361 -7.24 36.19 -27.75
CA ALA B 361 -8.23 35.20 -27.35
C ALA B 361 -7.71 33.79 -27.67
N TYR B 362 -8.01 32.84 -26.77
CA TYR B 362 -7.47 31.49 -26.89
C TYR B 362 -8.57 30.44 -26.75
N GLY B 363 -8.32 29.31 -27.43
CA GLY B 363 -9.11 28.11 -27.28
C GLY B 363 -8.30 26.99 -26.65
N PRO B 364 -8.81 25.74 -26.73
CA PRO B 364 -8.21 24.58 -26.05
C PRO B 364 -6.74 24.30 -26.34
N LYS B 365 -6.24 24.74 -27.51
CA LYS B 365 -4.90 24.39 -27.95
C LYS B 365 -3.79 25.11 -27.19
N VAL B 366 -4.09 25.85 -26.13
CA VAL B 366 -3.03 26.34 -25.23
C VAL B 366 -2.52 25.22 -24.32
N ASP B 367 -3.39 24.26 -23.94
CA ASP B 367 -3.01 23.09 -23.15
C ASP B 367 -2.02 22.21 -23.94
N ILE B 368 -2.18 22.18 -25.29
CA ILE B 368 -1.29 21.43 -26.17
C ILE B 368 0.10 22.06 -26.22
N TRP B 369 0.19 23.38 -26.20
CA TRP B 369 1.47 24.05 -26.07
C TRP B 369 2.12 23.62 -24.75
N SER B 370 1.35 23.71 -23.67
CA SER B 370 1.85 23.39 -22.34
C SER B 370 2.31 21.94 -22.23
N LEU B 371 1.57 21.01 -22.85
CA LEU B 371 2.01 19.64 -22.97
C LEU B 371 3.35 19.53 -23.69
N GLY B 372 3.51 20.20 -24.83
CA GLY B 372 4.79 20.21 -25.51
C GLY B 372 5.93 20.74 -24.62
N ILE B 373 5.66 21.75 -23.81
CA ILE B 373 6.64 22.26 -22.86
C ILE B 373 6.95 21.22 -21.80
N MET B 374 5.91 20.51 -21.34
CA MET B 374 6.09 19.45 -20.36
C MET B 374 6.88 18.28 -20.94
N ALA B 375 6.74 18.01 -22.24
CA ALA B 375 7.58 17.04 -22.92
C ALA B 375 9.05 17.47 -22.95
N ILE B 376 9.35 18.75 -23.24
CA ILE B 376 10.74 19.20 -23.20
C ILE B 376 11.29 19.11 -21.79
N GLU B 377 10.45 19.45 -20.82
CA GLU B 377 10.77 19.27 -19.40
C GLU B 377 11.16 17.81 -19.11
N MET B 378 10.44 16.82 -19.65
CA MET B 378 10.79 15.41 -19.45
C MET B 378 12.10 15.00 -20.13
N VAL B 379 12.50 15.63 -21.23
CA VAL B 379 13.76 15.34 -21.89
C VAL B 379 14.93 16.03 -21.20
N GLU B 380 14.77 17.30 -20.78
CA GLU B 380 15.88 18.12 -20.30
C GLU B 380 15.93 18.24 -18.78
N GLY B 381 14.87 17.87 -18.05
CA GLY B 381 14.88 17.86 -16.60
C GLY B 381 14.30 19.13 -15.98
N GLU B 382 14.20 20.21 -16.77
CA GLU B 382 13.51 21.44 -16.37
C GLU B 382 12.92 22.09 -17.62
N PRO B 383 11.87 22.92 -17.50
CA PRO B 383 11.29 23.59 -18.67
C PRO B 383 12.14 24.79 -19.11
N PRO B 384 12.02 25.27 -20.35
CA PRO B 384 12.80 26.41 -20.80
C PRO B 384 12.29 27.67 -20.10
N TYR B 385 13.17 28.67 -20.01
CA TYR B 385 12.87 30.00 -19.48
C TYR B 385 12.52 29.96 -17.98
N LEU B 386 12.90 28.90 -17.25
CA LEU B 386 12.64 28.88 -15.82
C LEU B 386 13.67 29.72 -15.04
N ASN B 387 14.94 29.75 -15.51
CA ASN B 387 16.04 30.40 -14.79
C ASN B 387 16.12 31.91 -15.10
N GLU B 388 14.96 32.60 -15.12
CA GLU B 388 14.86 33.98 -15.60
C GLU B 388 13.94 34.82 -14.70
N ASN B 389 14.06 36.15 -14.78
CA ASN B 389 13.00 37.02 -14.27
C ASN B 389 11.73 36.80 -15.10
N PRO B 390 10.54 36.59 -14.47
CA PRO B 390 9.29 36.30 -15.17
C PRO B 390 8.95 37.18 -16.38
N LEU B 391 9.28 38.48 -16.34
CA LEU B 391 9.01 39.37 -17.46
C LEU B 391 9.87 38.98 -18.66
N ARG B 392 11.16 38.68 -18.43
CA ARG B 392 12.03 38.22 -19.50
C ARG B 392 11.53 36.87 -20.04
N ALA B 393 11.11 35.95 -19.17
CA ALA B 393 10.51 34.71 -19.61
C ALA B 393 9.29 34.96 -20.50
N LEU B 394 8.32 35.77 -20.04
CA LEU B 394 7.17 36.13 -20.84
C LEU B 394 7.56 36.74 -22.20
N TYR B 395 8.58 37.61 -22.23
CA TYR B 395 9.08 38.18 -23.48
C TYR B 395 9.60 37.10 -24.42
N LEU B 396 10.45 36.19 -23.89
CA LEU B 396 11.01 35.11 -24.67
C LEU B 396 9.89 34.25 -25.27
N ILE B 397 8.89 33.88 -24.46
CA ILE B 397 7.75 33.09 -24.94
C ILE B 397 7.06 33.79 -26.10
N ALA B 398 6.83 35.11 -25.96
CA ALA B 398 6.12 35.89 -26.95
C ALA B 398 6.92 36.07 -28.25
N THR B 399 8.23 35.81 -28.26
CA THR B 399 9.09 36.26 -29.35
C THR B 399 10.05 35.21 -29.94
N ASN B 400 10.40 34.14 -29.21
CA ASN B 400 11.38 33.17 -29.70
C ASN B 400 10.80 32.22 -30.75
N GLY B 401 9.46 32.18 -30.90
CA GLY B 401 8.84 31.16 -31.72
C GLY B 401 8.83 29.79 -31.03
N THR B 402 8.80 28.70 -31.80
CA THR B 402 8.96 27.35 -31.27
C THR B 402 10.28 27.22 -30.50
N PRO B 403 10.30 26.79 -29.21
CA PRO B 403 11.55 26.68 -28.44
C PRO B 403 12.55 25.71 -29.03
N GLU B 404 13.77 25.78 -28.47
CA GLU B 404 14.88 24.94 -28.92
C GLU B 404 15.37 24.09 -27.76
N LEU B 405 15.79 22.87 -28.08
CA LEU B 405 16.40 21.98 -27.11
C LEU B 405 17.88 22.30 -27.09
N GLN B 406 18.49 22.44 -25.91
CA GLN B 406 19.96 22.43 -25.81
C GLN B 406 20.44 21.05 -26.30
N ASN B 407 21.51 20.95 -27.09
CA ASN B 407 21.94 19.69 -27.71
C ASN B 407 20.74 19.00 -28.39
N PRO B 408 20.07 19.64 -29.37
CA PRO B 408 18.82 19.11 -29.96
C PRO B 408 19.11 18.00 -30.97
N GLU B 409 19.51 16.84 -30.44
CA GLU B 409 19.78 15.62 -31.19
C GLU B 409 19.61 14.47 -30.17
N LYS B 410 19.58 13.23 -30.67
CA LYS B 410 19.42 12.01 -29.88
C LYS B 410 17.98 11.88 -29.43
N LEU B 411 17.13 12.62 -30.13
CA LEU B 411 15.69 12.54 -29.99
C LEU B 411 15.18 11.94 -31.30
N SER B 412 14.48 10.81 -31.27
CA SER B 412 13.87 10.26 -32.48
C SER B 412 13.24 11.34 -33.34
N PRO B 413 13.44 11.25 -34.67
CA PRO B 413 12.72 12.11 -35.62
C PRO B 413 11.24 12.22 -35.33
N ILE B 414 10.57 11.11 -34.95
CA ILE B 414 9.13 11.12 -34.82
C ILE B 414 8.72 11.80 -33.51
N PHE B 415 9.58 11.74 -32.49
CA PHE B 415 9.31 12.45 -31.24
C PHE B 415 9.62 13.93 -31.44
N ARG B 416 10.60 14.25 -32.28
CA ARG B 416 10.87 15.63 -32.60
C ARG B 416 9.70 16.22 -33.38
N ASP B 417 9.03 15.44 -34.21
CA ASP B 417 7.87 15.87 -34.97
C ASP B 417 6.67 16.11 -34.05
N PHE B 418 6.56 15.32 -32.97
CA PHE B 418 5.50 15.45 -31.99
C PHE B 418 5.64 16.77 -31.24
N LEU B 419 6.88 17.11 -30.90
CA LEU B 419 7.20 18.37 -30.24
C LEU B 419 6.84 19.55 -31.14
N ASN B 420 7.22 19.49 -32.43
CA ASN B 420 6.90 20.55 -33.38
C ASN B 420 5.40 20.76 -33.48
N ARG B 421 4.63 19.68 -33.56
CA ARG B 421 3.19 19.77 -33.74
C ARG B 421 2.47 20.24 -32.46
N CYS B 422 3.12 20.16 -31.31
CA CYS B 422 2.61 20.70 -30.06
C CYS B 422 3.00 22.16 -29.90
N LEU B 423 4.22 22.52 -30.36
CA LEU B 423 4.80 23.82 -30.07
C LEU B 423 4.83 24.70 -31.33
N GLU B 424 3.81 24.53 -32.19
CA GLU B 424 3.65 25.32 -33.40
C GLU B 424 3.02 26.66 -33.04
N MET B 425 3.47 27.77 -33.68
CA MET B 425 3.04 29.12 -33.33
C MET B 425 1.63 29.41 -33.84
N ASP B 426 1.30 28.87 -35.02
CA ASP B 426 -0.02 29.05 -35.61
C ASP B 426 -0.99 28.02 -35.04
N VAL B 427 -2.02 28.51 -34.36
CA VAL B 427 -3.07 27.71 -33.74
C VAL B 427 -3.83 26.79 -34.72
N GLU B 428 -3.92 27.12 -36.01
CA GLU B 428 -4.60 26.24 -36.94
C GLU B 428 -3.66 25.10 -37.35
N LYS B 429 -2.36 25.37 -37.27
CA LYS B 429 -1.31 24.42 -37.61
C LYS B 429 -0.89 23.61 -36.37
N ARG B 430 -1.21 24.14 -35.17
CA ARG B 430 -1.00 23.41 -33.91
C ARG B 430 -1.99 22.26 -33.91
N GLY B 431 -1.72 21.23 -33.10
CA GLY B 431 -2.49 19.99 -33.12
C GLY B 431 -3.59 20.04 -32.07
N SER B 432 -4.69 19.32 -32.31
CA SER B 432 -5.66 19.10 -31.25
C SER B 432 -5.29 17.88 -30.41
N ALA B 433 -5.97 17.70 -29.28
CA ALA B 433 -5.77 16.50 -28.49
C ALA B 433 -6.21 15.29 -29.30
N LYS B 434 -7.36 15.38 -29.95
CA LYS B 434 -7.91 14.27 -30.75
C LYS B 434 -6.94 13.82 -31.85
N GLU B 435 -6.32 14.79 -32.53
CA GLU B 435 -5.37 14.52 -33.59
C GLU B 435 -4.07 13.93 -33.05
N LEU B 436 -3.50 14.53 -31.99
CA LEU B 436 -2.21 14.07 -31.47
C LEU B 436 -2.26 12.68 -30.84
N LEU B 437 -3.43 12.20 -30.39
CA LEU B 437 -3.56 10.81 -30.00
C LEU B 437 -3.27 9.82 -31.13
N GLN B 438 -3.42 10.25 -32.39
CA GLN B 438 -3.10 9.41 -33.52
C GLN B 438 -1.64 9.56 -33.98
N HIS B 439 -0.87 10.48 -33.38
CA HIS B 439 0.49 10.70 -33.80
C HIS B 439 1.36 9.45 -33.63
N PRO B 440 2.21 9.10 -34.63
CA PRO B 440 3.01 7.89 -34.55
C PRO B 440 3.96 7.83 -33.37
N PHE B 441 4.30 8.96 -32.76
CA PHE B 441 5.20 8.95 -31.61
C PHE B 441 4.64 8.11 -30.45
N LEU B 442 3.33 8.16 -30.25
CA LEU B 442 2.74 7.54 -29.08
C LEU B 442 2.83 6.03 -29.18
N LYS B 443 3.05 5.47 -30.38
CA LYS B 443 3.23 4.05 -30.58
C LYS B 443 4.53 3.55 -29.99
N LEU B 444 5.49 4.42 -29.70
CA LEU B 444 6.72 4.05 -29.02
C LEU B 444 6.52 3.74 -27.53
N ALA B 445 5.32 3.99 -27.00
CA ALA B 445 5.04 3.90 -25.57
C ALA B 445 5.33 2.52 -24.99
N LYS B 446 6.08 2.52 -23.89
CA LYS B 446 6.25 1.38 -23.02
C LYS B 446 4.99 1.20 -22.21
N PRO B 447 4.78 0.03 -21.59
CA PRO B 447 3.76 -0.12 -20.56
C PRO B 447 3.95 0.90 -19.44
N LEU B 448 2.86 1.33 -18.82
CA LEU B 448 3.00 2.30 -17.73
C LEU B 448 3.77 1.72 -16.55
N SER B 449 3.68 0.42 -16.30
CA SER B 449 4.46 -0.22 -15.24
C SER B 449 5.96 0.10 -15.35
N SER B 450 6.46 0.44 -16.55
CA SER B 450 7.87 0.79 -16.73
C SER B 450 8.29 2.02 -15.98
N LEU B 451 7.34 2.86 -15.54
CA LEU B 451 7.63 4.05 -14.76
C LEU B 451 7.87 3.70 -13.27
N THR B 452 7.52 2.50 -12.82
CA THR B 452 7.44 2.22 -11.40
C THR B 452 8.79 2.39 -10.73
N PRO B 453 9.92 1.94 -11.27
CA PRO B 453 11.20 2.26 -10.67
C PRO B 453 11.46 3.75 -10.49
N LEU B 454 11.10 4.58 -11.48
CA LEU B 454 11.29 6.03 -11.37
C LEU B 454 10.38 6.63 -10.30
N ILE B 455 9.12 6.22 -10.25
CA ILE B 455 8.18 6.67 -9.25
C ILE B 455 8.62 6.28 -7.85
N MET B 456 9.13 5.07 -7.64
CA MET B 456 9.64 4.65 -6.34
C MET B 456 10.89 5.41 -5.97
N ALA B 457 11.83 5.57 -6.89
CA ALA B 457 13.04 6.33 -6.61
C ALA B 457 12.69 7.75 -6.20
N ALA B 458 11.88 8.43 -7.00
CA ALA B 458 11.45 9.81 -6.77
C ALA B 458 10.69 9.95 -5.45
N LYS B 459 9.74 9.08 -5.18
CA LYS B 459 8.95 9.15 -3.98
C LYS B 459 9.85 9.06 -2.75
N GLU B 460 10.83 8.14 -2.79
CA GLU B 460 11.72 7.88 -1.66
C GLU B 460 12.63 9.10 -1.47
N ALA B 461 13.07 9.72 -2.57
CA ALA B 461 13.91 10.91 -2.54
C ALA B 461 13.19 12.11 -1.92
N MET B 462 11.90 12.27 -2.17
CA MET B 462 11.08 13.37 -1.67
C MET B 462 10.81 13.30 -0.17
N LYS B 463 11.05 12.14 0.48
CA LYS B 463 10.92 12.01 1.92
C LYS B 463 12.09 12.67 2.66
N SER B 464 13.12 13.10 1.93
CA SER B 464 14.37 13.65 2.49
C SER B 464 14.85 14.89 1.70
C1 MLT C . 12.13 22.53 -36.23
O1 MLT C . 11.56 23.56 -36.62
O2 MLT C . 12.04 21.40 -36.78
C2 MLT C . 12.94 22.60 -34.91
O3 MLT C . 14.27 23.07 -35.13
C3 MLT C . 13.02 21.26 -34.17
C4 MLT C . 13.73 21.39 -32.82
O4 MLT C . 14.98 21.61 -32.84
O5 MLT C . 13.02 21.28 -31.76
S SO4 D . 15.05 -1.09 -21.81
O1 SO4 D . 13.98 -1.17 -22.79
O2 SO4 D . 15.75 -2.35 -21.79
O3 SO4 D . 15.93 0.03 -22.13
O4 SO4 D . 14.46 -0.86 -20.51
#